data_6ZHI
#
_entry.id   6ZHI
#
_cell.length_a   71.069
_cell.length_b   93.853
_cell.length_c   85.296
_cell.angle_alpha   90.00
_cell.angle_beta   99.47
_cell.angle_gamma   90.00
#
_symmetry.space_group_name_H-M   'P 1 21 1'
#
loop_
_entity.id
_entity.type
_entity.pdbx_description
1 polymer 'Heat shock protein 70'
2 polymer ASN-ARG-LEU-LEU-LEU-THR-GLY
#
loop_
_entity_poly.entity_id
_entity_poly.type
_entity_poly.pdbx_seq_one_letter_code
_entity_poly.pdbx_strand_id
1 'polypeptide(L)'
;GPLLDVCPLSLGLETAGGVMTKLIERNTTIPTKKNQIFTTYADNQPGVLIQVYEGERAMTKDNNLLGKFQLEGIPPAPRS
VPQIEVTFDIDANGILNVTALDKGTGKQNQITITNDKGRLSKDDIDRMVNDAEKYKEEDEQNKNRIEARNNLENYCYNVK
NTLQDENLKTKIPKDDSEKCMKTVKSVLDWLEKNQTAETEEYNEKEKDISSVYNPIMTKIYQGASAQEP
;
A,B,C,D
2 'polypeptide(L)' NRLLLTG E,F,G,H
#
# COMPACT_ATOMS: atom_id res chain seq x y z
N ASP A 5 4.64 -8.01 -44.67
CA ASP A 5 4.17 -7.16 -43.58
C ASP A 5 4.65 -7.79 -42.26
N VAL A 6 4.97 -6.94 -41.24
CA VAL A 6 5.51 -7.39 -39.94
C VAL A 6 4.76 -6.83 -38.72
N CYS A 7 4.92 -7.49 -37.55
CA CYS A 7 4.30 -7.10 -36.29
C CYS A 7 4.96 -5.82 -35.79
N PRO A 8 4.22 -4.71 -35.69
CA PRO A 8 4.84 -3.44 -35.27
C PRO A 8 5.49 -3.48 -33.89
N LEU A 9 4.69 -3.90 -32.89
CA LEU A 9 5.13 -3.97 -31.51
C LEU A 9 4.90 -5.34 -30.92
N SER A 10 5.71 -5.69 -29.91
CA SER A 10 5.63 -6.96 -29.22
C SER A 10 4.33 -7.08 -28.46
N LEU A 11 3.71 -8.27 -28.54
CA LEU A 11 2.44 -8.56 -27.89
C LEU A 11 2.62 -9.68 -26.89
N GLY A 12 2.03 -9.47 -25.73
CA GLY A 12 2.07 -10.43 -24.64
C GLY A 12 0.99 -10.22 -23.62
N LEU A 13 1.13 -10.87 -22.46
CA LEU A 13 0.17 -10.81 -21.38
C LEU A 13 0.84 -10.57 -20.03
N GLU A 14 0.05 -10.17 -19.03
CA GLU A 14 0.54 -9.94 -17.68
C GLU A 14 0.65 -11.25 -16.90
N THR A 15 1.83 -11.49 -16.29
CA THR A 15 2.08 -12.64 -15.43
C THR A 15 2.30 -12.12 -14.00
N ALA A 16 2.48 -13.04 -13.02
CA ALA A 16 2.67 -12.75 -11.59
C ALA A 16 3.69 -11.66 -11.33
N GLY A 17 3.23 -10.61 -10.66
CA GLY A 17 4.02 -9.44 -10.32
C GLY A 17 4.04 -8.35 -11.36
N GLY A 18 2.96 -8.25 -12.15
CA GLY A 18 2.78 -7.25 -13.21
C GLY A 18 3.89 -7.26 -14.24
N VAL A 19 4.32 -8.47 -14.67
CA VAL A 19 5.40 -8.69 -15.62
C VAL A 19 4.87 -8.90 -17.04
N MET A 20 5.49 -8.22 -18.02
CA MET A 20 5.13 -8.34 -19.43
C MET A 20 5.82 -9.56 -20.00
N THR A 21 5.03 -10.59 -20.30
CA THR A 21 5.49 -11.84 -20.87
C THR A 21 5.06 -11.83 -22.32
N LYS A 22 6.02 -11.58 -23.21
CA LYS A 22 5.80 -11.50 -24.65
C LYS A 22 5.62 -12.88 -25.27
N LEU A 23 4.64 -13.00 -26.15
CA LEU A 23 4.34 -14.24 -26.87
C LEU A 23 4.67 -14.08 -28.34
N ILE A 24 4.47 -12.86 -28.86
CA ILE A 24 4.78 -12.47 -30.23
C ILE A 24 5.77 -11.32 -30.17
N GLU A 25 7.00 -11.56 -30.66
CA GLU A 25 8.05 -10.54 -30.68
C GLU A 25 7.79 -9.47 -31.73
N ARG A 26 8.47 -8.30 -31.64
CA ARG A 26 8.31 -7.24 -32.62
C ARG A 26 8.95 -7.67 -33.94
N ASN A 27 8.47 -7.11 -35.04
CA ASN A 27 8.90 -7.33 -36.44
C ASN A 27 8.75 -8.80 -36.92
N THR A 28 7.83 -9.59 -36.32
CA THR A 28 7.57 -10.97 -36.75
C THR A 28 6.61 -10.93 -37.95
N THR A 29 6.46 -12.04 -38.69
CA THR A 29 5.55 -12.09 -39.84
C THR A 29 4.09 -11.76 -39.49
N ILE A 30 3.33 -11.10 -40.40
CA ILE A 30 1.90 -10.78 -40.20
C ILE A 30 1.09 -12.02 -40.05
N PRO A 31 1.25 -13.04 -40.92
CA PRO A 31 0.51 -14.27 -40.67
C PRO A 31 1.36 -15.15 -39.75
N THR A 32 1.00 -15.21 -38.47
CA THR A 32 1.69 -15.97 -37.42
C THR A 32 0.71 -16.28 -36.30
N LYS A 33 0.91 -17.41 -35.63
CA LYS A 33 0.08 -17.87 -34.51
C LYS A 33 1.03 -18.56 -33.54
N LYS A 34 1.07 -18.10 -32.28
CA LYS A 34 1.92 -18.63 -31.23
C LYS A 34 1.17 -18.92 -29.94
N ASN A 35 1.68 -19.89 -29.16
CA ASN A 35 1.08 -20.31 -27.90
C ASN A 35 2.09 -20.59 -26.80
N GLN A 36 1.63 -20.51 -25.55
CA GLN A 36 2.41 -20.81 -24.36
C GLN A 36 1.50 -21.32 -23.25
N ILE A 37 2.06 -22.18 -22.38
CA ILE A 37 1.33 -22.77 -21.27
C ILE A 37 1.67 -22.06 -19.97
N PHE A 38 0.62 -21.76 -19.18
CA PHE A 38 0.69 -21.06 -17.91
C PHE A 38 -0.07 -21.84 -16.84
N THR A 39 0.21 -21.55 -15.56
CA THR A 39 -0.44 -22.21 -14.42
C THR A 39 -1.03 -21.20 -13.45
N THR A 40 -1.64 -21.70 -12.35
CA THR A 40 -2.25 -20.85 -11.35
C THR A 40 -1.20 -20.32 -10.38
N TYR A 41 -1.41 -19.11 -9.86
CA TYR A 41 -0.52 -18.45 -8.91
C TYR A 41 -0.79 -18.95 -7.49
N ALA A 42 -2.06 -19.23 -7.16
CA ALA A 42 -2.46 -19.68 -5.83
C ALA A 42 -3.28 -20.97 -5.86
N ASP A 43 -3.32 -21.69 -4.72
CA ASP A 43 -4.08 -22.93 -4.55
C ASP A 43 -5.57 -22.65 -4.66
N ASN A 44 -6.31 -23.60 -5.27
CA ASN A 44 -7.76 -23.53 -5.48
C ASN A 44 -8.20 -22.23 -6.17
N GLN A 45 -7.39 -21.78 -7.14
CA GLN A 45 -7.65 -20.58 -7.93
C GLN A 45 -8.79 -20.91 -8.87
N PRO A 46 -9.93 -20.19 -8.77
CA PRO A 46 -11.09 -20.53 -9.61
C PRO A 46 -11.00 -20.08 -11.06
N GLY A 47 -10.17 -19.07 -11.33
CA GLY A 47 -10.00 -18.49 -12.65
C GLY A 47 -8.71 -17.73 -12.87
N VAL A 48 -8.40 -17.43 -14.13
CA VAL A 48 -7.20 -16.67 -14.51
C VAL A 48 -7.59 -15.42 -15.32
N LEU A 49 -6.96 -14.27 -15.01
CA LEU A 49 -7.22 -13.03 -15.73
C LEU A 49 -6.18 -12.79 -16.81
N ILE A 50 -6.64 -12.85 -18.07
CA ILE A 50 -5.81 -12.64 -19.25
C ILE A 50 -5.81 -11.16 -19.59
N GLN A 51 -4.68 -10.52 -19.36
CA GLN A 51 -4.48 -9.10 -19.60
C GLN A 51 -3.54 -8.91 -20.79
N VAL A 52 -4.07 -8.53 -21.98
CA VAL A 52 -3.31 -8.36 -23.24
C VAL A 52 -2.63 -7.00 -23.36
N TYR A 53 -1.31 -6.98 -23.41
CA TYR A 53 -0.52 -5.75 -23.50
C TYR A 53 0.33 -5.66 -24.77
N GLU A 54 0.59 -4.42 -25.23
CA GLU A 54 1.39 -4.08 -26.41
C GLU A 54 2.47 -3.10 -25.98
N GLY A 55 3.71 -3.38 -26.37
CA GLY A 55 4.85 -2.53 -26.03
C GLY A 55 6.15 -3.26 -25.86
N GLU A 56 7.20 -2.53 -25.50
CA GLU A 56 8.55 -3.10 -25.35
C GLU A 56 9.09 -3.11 -23.94
N ARG A 57 8.40 -2.40 -23.03
CA ARG A 57 8.83 -2.33 -21.65
C ARG A 57 8.66 -3.68 -20.94
N ALA A 58 9.52 -3.95 -19.93
CA ALA A 58 9.51 -5.20 -19.17
C ALA A 58 8.32 -5.32 -18.20
N MET A 59 7.76 -4.19 -17.77
CA MET A 59 6.62 -4.15 -16.85
C MET A 59 5.35 -3.77 -17.58
N THR A 60 4.22 -4.41 -17.23
CA THR A 60 2.92 -4.21 -17.87
C THR A 60 2.37 -2.82 -17.75
N LYS A 61 2.56 -2.15 -16.58
CA LYS A 61 2.06 -0.79 -16.35
C LYS A 61 2.53 0.22 -17.43
N ASP A 62 3.79 0.06 -17.87
CA ASP A 62 4.43 0.89 -18.89
C ASP A 62 3.86 0.65 -20.29
N ASN A 63 3.54 -0.62 -20.62
CA ASN A 63 2.97 -0.99 -21.92
C ASN A 63 1.48 -0.68 -22.00
N ASN A 64 0.96 -0.51 -23.24
CA ASN A 64 -0.45 -0.20 -23.51
C ASN A 64 -1.34 -1.41 -23.58
N LEU A 65 -2.38 -1.36 -22.76
CA LEU A 65 -3.34 -2.44 -22.66
C LEU A 65 -4.30 -2.47 -23.84
N LEU A 66 -4.29 -3.59 -24.57
CA LEU A 66 -5.15 -3.77 -25.75
C LEU A 66 -6.54 -4.28 -25.40
N GLY A 67 -6.61 -5.20 -24.43
CA GLY A 67 -7.85 -5.81 -23.99
C GLY A 67 -7.61 -6.85 -22.91
N LYS A 68 -8.66 -7.15 -22.13
CA LYS A 68 -8.59 -8.11 -21.03
C LYS A 68 -9.84 -8.97 -20.92
N PHE A 69 -9.67 -10.24 -20.54
CA PHE A 69 -10.78 -11.19 -20.32
C PHE A 69 -10.44 -12.18 -19.21
N GLN A 70 -11.44 -12.94 -18.77
CA GLN A 70 -11.23 -13.92 -17.72
C GLN A 70 -11.75 -15.29 -18.08
N LEU A 71 -10.98 -16.32 -17.70
CA LEU A 71 -11.35 -17.70 -17.89
C LEU A 71 -11.69 -18.26 -16.50
N GLU A 72 -12.95 -18.65 -16.30
CA GLU A 72 -13.43 -19.19 -15.03
C GLU A 72 -13.72 -20.68 -15.16
N GLY A 73 -14.07 -21.30 -14.04
CA GLY A 73 -14.41 -22.70 -13.98
C GLY A 73 -13.22 -23.61 -13.77
N ILE A 74 -12.08 -23.05 -13.34
CA ILE A 74 -10.87 -23.83 -13.06
C ILE A 74 -11.16 -24.68 -11.83
N PRO A 75 -10.93 -26.01 -11.94
CA PRO A 75 -11.21 -26.88 -10.78
C PRO A 75 -10.28 -26.60 -9.62
N PRO A 76 -10.73 -26.68 -8.35
CA PRO A 76 -9.82 -26.42 -7.22
C PRO A 76 -8.65 -27.39 -7.26
N ALA A 77 -7.42 -26.85 -7.22
CA ALA A 77 -6.20 -27.65 -7.35
C ALA A 77 -4.97 -26.92 -6.79
N PRO A 78 -3.82 -27.62 -6.57
CA PRO A 78 -2.61 -26.94 -6.09
C PRO A 78 -2.08 -25.83 -7.02
N ARG A 79 -1.14 -25.01 -6.51
CA ARG A 79 -0.57 -23.84 -7.13
C ARG A 79 -0.07 -24.04 -8.58
N SER A 80 0.73 -25.07 -8.82
CA SER A 80 1.29 -25.22 -10.15
C SER A 80 0.65 -26.32 -11.02
N VAL A 81 -0.35 -27.05 -10.49
CA VAL A 81 -1.00 -28.17 -11.18
C VAL A 81 -1.80 -27.75 -12.46
N PRO A 82 -2.69 -26.72 -12.45
CA PRO A 82 -3.47 -26.41 -13.67
C PRO A 82 -2.64 -26.02 -14.90
N GLN A 83 -3.09 -26.42 -16.09
CA GLN A 83 -2.42 -26.12 -17.35
C GLN A 83 -3.34 -25.32 -18.25
N ILE A 84 -2.92 -24.08 -18.56
CA ILE A 84 -3.69 -23.17 -19.39
C ILE A 84 -2.88 -22.78 -20.62
N GLU A 85 -3.43 -23.06 -21.82
CA GLU A 85 -2.78 -22.75 -23.08
C GLU A 85 -3.36 -21.46 -23.63
N VAL A 86 -2.48 -20.45 -23.75
CA VAL A 86 -2.85 -19.14 -24.27
C VAL A 86 -2.31 -19.03 -25.68
N THR A 87 -3.20 -18.87 -26.67
CA THR A 87 -2.78 -18.74 -28.08
C THR A 87 -3.10 -17.35 -28.61
N PHE A 88 -2.07 -16.66 -29.15
CA PHE A 88 -2.10 -15.33 -29.76
C PHE A 88 -2.05 -15.55 -31.26
N ASP A 89 -3.18 -15.35 -31.93
CA ASP A 89 -3.28 -15.61 -33.36
C ASP A 89 -3.46 -14.36 -34.16
N ILE A 90 -2.50 -14.06 -35.04
CA ILE A 90 -2.61 -12.89 -35.88
C ILE A 90 -2.96 -13.31 -37.29
N ASP A 91 -4.10 -12.82 -37.74
CA ASP A 91 -4.64 -13.04 -39.06
C ASP A 91 -3.73 -12.36 -40.09
N ALA A 92 -3.81 -12.75 -41.38
CA ALA A 92 -3.04 -12.11 -42.47
C ALA A 92 -3.40 -10.62 -42.60
N ASN A 93 -4.64 -10.27 -42.22
CA ASN A 93 -5.15 -8.89 -42.21
C ASN A 93 -4.60 -8.08 -41.03
N GLY A 94 -4.19 -8.76 -39.97
CA GLY A 94 -3.65 -8.12 -38.78
C GLY A 94 -4.53 -8.29 -37.56
N ILE A 95 -5.69 -8.94 -37.71
CA ILE A 95 -6.63 -9.19 -36.61
C ILE A 95 -6.03 -10.13 -35.57
N LEU A 96 -5.91 -9.66 -34.29
CA LEU A 96 -5.39 -10.50 -33.21
C LEU A 96 -6.53 -11.20 -32.47
N ASN A 97 -6.43 -12.52 -32.34
CA ASN A 97 -7.41 -13.34 -31.68
C ASN A 97 -6.70 -14.10 -30.55
N VAL A 98 -6.97 -13.70 -29.30
CA VAL A 98 -6.36 -14.29 -28.11
C VAL A 98 -7.33 -15.28 -27.47
N THR A 99 -6.90 -16.54 -27.31
CA THR A 99 -7.74 -17.60 -26.72
C THR A 99 -7.02 -18.26 -25.55
N ALA A 100 -7.70 -18.38 -24.42
CA ALA A 100 -7.17 -19.08 -23.23
C ALA A 100 -7.98 -20.34 -23.06
N LEU A 101 -7.30 -21.49 -23.03
CA LEU A 101 -7.95 -22.78 -22.94
C LEU A 101 -7.43 -23.60 -21.78
N ASP A 102 -8.35 -24.14 -20.97
CA ASP A 102 -8.02 -25.03 -19.87
C ASP A 102 -7.83 -26.40 -20.48
N LYS A 103 -6.62 -26.96 -20.33
CA LYS A 103 -6.28 -28.28 -20.88
C LYS A 103 -7.12 -29.40 -20.29
N GLY A 104 -7.30 -29.35 -18.98
CA GLY A 104 -8.07 -30.33 -18.23
C GLY A 104 -9.56 -30.31 -18.51
N THR A 105 -10.24 -29.19 -18.18
CA THR A 105 -11.68 -29.04 -18.39
C THR A 105 -12.06 -28.94 -19.87
N GLY A 106 -11.23 -28.28 -20.67
CA GLY A 106 -11.52 -28.06 -22.08
C GLY A 106 -12.32 -26.79 -22.29
N LYS A 107 -12.59 -26.07 -21.18
CA LYS A 107 -13.31 -24.80 -21.20
C LYS A 107 -12.37 -23.75 -21.77
N GLN A 108 -12.88 -22.89 -22.64
CA GLN A 108 -12.08 -21.82 -23.22
C GLN A 108 -12.82 -20.51 -23.29
N ASN A 109 -12.05 -19.44 -23.42
CA ASN A 109 -12.55 -18.09 -23.60
C ASN A 109 -11.65 -17.36 -24.56
N GLN A 110 -12.23 -16.48 -25.37
CA GLN A 110 -11.49 -15.75 -26.38
C GLN A 110 -12.00 -14.34 -26.60
N ILE A 111 -11.09 -13.48 -27.03
CA ILE A 111 -11.36 -12.09 -27.41
C ILE A 111 -10.67 -11.79 -28.73
N THR A 112 -11.21 -10.82 -29.47
CA THR A 112 -10.67 -10.40 -30.76
C THR A 112 -10.33 -8.91 -30.71
N ILE A 113 -9.11 -8.57 -31.13
CA ILE A 113 -8.60 -7.19 -31.17
C ILE A 113 -8.48 -6.84 -32.65
N THR A 114 -9.40 -5.99 -33.12
CA THR A 114 -9.45 -5.57 -34.53
C THR A 114 -8.25 -4.70 -34.85
N ASN A 115 -7.71 -4.86 -36.07
CA ASN A 115 -6.59 -4.07 -36.54
C ASN A 115 -7.13 -2.86 -37.29
N ASP A 116 -6.59 -1.67 -36.98
CA ASP A 116 -6.98 -0.42 -37.61
C ASP A 116 -5.78 0.35 -38.14
N LYS A 117 -6.03 1.30 -39.06
CA LYS A 117 -5.05 2.17 -39.68
C LYS A 117 -4.42 3.13 -38.67
N GLY A 118 -5.18 3.45 -37.63
CA GLY A 118 -4.74 4.33 -36.54
C GLY A 118 -3.73 3.66 -35.64
N ARG A 119 -2.92 4.48 -34.93
CA ARG A 119 -1.85 4.05 -34.01
C ARG A 119 -0.77 3.20 -34.73
N LEU A 120 -0.64 3.39 -36.05
CA LEU A 120 0.35 2.70 -36.86
C LEU A 120 1.48 3.68 -37.22
N SER A 121 1.69 4.72 -36.37
CA SER A 121 2.71 5.70 -36.67
C SER A 121 4.12 5.22 -36.38
N LYS A 122 4.96 5.31 -37.43
CA LYS A 122 6.38 4.94 -37.44
C LYS A 122 7.12 5.65 -36.31
N ASP A 123 6.87 6.98 -36.09
CA ASP A 123 7.50 7.78 -34.98
C ASP A 123 7.08 7.23 -33.71
N ASP A 124 5.75 6.99 -33.55
CA ASP A 124 5.17 6.51 -32.31
C ASP A 124 5.90 5.25 -31.91
N ILE A 125 6.03 4.29 -32.86
CA ILE A 125 6.73 3.02 -32.67
C ILE A 125 8.17 3.27 -32.28
N ASP A 126 8.89 4.15 -33.04
CA ASP A 126 10.28 4.53 -32.79
C ASP A 126 10.50 5.08 -31.40
N ARG A 127 9.62 6.01 -30.97
CA ARG A 127 9.63 6.66 -29.65
C ARG A 127 9.47 5.60 -28.58
N MET A 128 8.53 4.65 -28.79
CA MET A 128 8.28 3.57 -27.86
C MET A 128 9.52 2.68 -27.73
N VAL A 129 10.13 2.28 -28.87
CA VAL A 129 11.33 1.43 -28.94
C VAL A 129 12.50 2.13 -28.24
N ASN A 130 12.74 3.42 -28.56
CA ASN A 130 13.81 4.23 -27.99
C ASN A 130 13.61 4.45 -26.50
N ASP A 131 12.35 4.63 -26.07
CA ASP A 131 11.97 4.79 -24.66
C ASP A 131 12.35 3.52 -23.92
N ALA A 132 12.05 2.33 -24.48
CA ALA A 132 12.42 1.05 -23.88
C ALA A 132 13.93 0.97 -23.67
N GLU A 133 14.71 1.41 -24.69
CA GLU A 133 16.18 1.43 -24.68
C GLU A 133 16.73 2.33 -23.60
N LYS A 134 16.14 3.53 -23.45
CA LYS A 134 16.54 4.49 -22.44
C LYS A 134 16.28 3.92 -21.05
N TYR A 135 15.11 3.27 -20.88
CA TYR A 135 14.68 2.72 -19.60
C TYR A 135 15.06 1.25 -19.40
N LYS A 136 15.91 0.68 -20.30
CA LYS A 136 16.35 -0.72 -20.21
C LYS A 136 17.02 -1.00 -18.87
N GLU A 137 17.88 -0.08 -18.41
CA GLU A 137 18.63 -0.23 -17.17
C GLU A 137 17.69 -0.24 -16.00
N GLU A 138 16.77 0.75 -15.88
CA GLU A 138 15.82 0.87 -14.77
C GLU A 138 14.87 -0.34 -14.73
N ASP A 139 14.45 -0.84 -15.92
CA ASP A 139 13.53 -1.98 -16.01
C ASP A 139 14.13 -3.24 -15.44
N GLU A 140 15.41 -3.50 -15.75
CA GLU A 140 16.14 -4.68 -15.29
C GLU A 140 16.13 -4.74 -13.78
N GLN A 141 16.33 -3.57 -13.11
CA GLN A 141 16.32 -3.43 -11.65
C GLN A 141 14.96 -3.83 -11.11
N ASN A 142 13.89 -3.30 -11.71
CA ASN A 142 12.51 -3.61 -11.33
C ASN A 142 12.23 -5.10 -11.50
N LYS A 143 12.62 -5.67 -12.67
CA LYS A 143 12.45 -7.07 -13.04
C LYS A 143 13.14 -7.98 -12.01
N ASN A 144 14.41 -7.67 -11.68
CA ASN A 144 15.24 -8.41 -10.69
C ASN A 144 14.62 -8.38 -9.28
N ARG A 145 13.98 -7.25 -8.90
CA ARG A 145 13.29 -7.09 -7.62
C ARG A 145 12.05 -7.96 -7.57
N ILE A 146 11.27 -7.98 -8.67
CA ILE A 146 10.03 -8.77 -8.85
C ILE A 146 10.36 -10.25 -8.81
N GLU A 147 11.40 -10.66 -9.57
CA GLU A 147 11.88 -12.03 -9.64
C GLU A 147 12.27 -12.53 -8.27
N ALA A 148 13.00 -11.72 -7.48
CA ALA A 148 13.45 -12.06 -6.13
C ALA A 148 12.26 -12.29 -5.21
N ARG A 149 11.19 -11.47 -5.35
CA ARG A 149 9.96 -11.59 -4.58
C ARG A 149 9.30 -12.92 -4.90
N ASN A 150 9.10 -13.19 -6.20
CA ASN A 150 8.51 -14.42 -6.73
C ASN A 150 9.28 -15.66 -6.29
N ASN A 151 10.63 -15.63 -6.35
CA ASN A 151 11.53 -16.71 -5.94
C ASN A 151 11.41 -17.01 -4.46
N LEU A 152 11.27 -15.96 -3.63
CA LEU A 152 11.11 -16.13 -2.19
C LEU A 152 9.76 -16.75 -1.87
N GLU A 153 8.68 -16.28 -2.51
CA GLU A 153 7.36 -16.84 -2.28
C GLU A 153 7.32 -18.32 -2.69
N ASN A 154 7.93 -18.66 -3.86
CA ASN A 154 8.04 -20.02 -4.38
C ASN A 154 8.84 -20.89 -3.41
N TYR A 155 9.98 -20.36 -2.89
CA TYR A 155 10.82 -21.08 -1.93
C TYR A 155 10.04 -21.46 -0.66
N CYS A 156 9.22 -20.54 -0.17
CA CYS A 156 8.38 -20.73 1.00
C CYS A 156 7.36 -21.85 0.76
N TYR A 157 6.73 -21.88 -0.44
CA TYR A 157 5.76 -22.90 -0.83
C TYR A 157 6.41 -24.26 -0.94
N ASN A 158 7.54 -24.36 -1.66
CA ASN A 158 8.28 -25.59 -1.87
C ASN A 158 8.78 -26.22 -0.58
N VAL A 159 9.40 -25.42 0.33
CA VAL A 159 9.92 -25.87 1.64
C VAL A 159 8.76 -26.45 2.47
N LYS A 160 7.65 -25.67 2.57
CA LYS A 160 6.45 -26.07 3.30
C LYS A 160 5.91 -27.38 2.74
N ASN A 161 5.75 -27.48 1.41
CA ASN A 161 5.30 -28.70 0.75
C ASN A 161 6.23 -29.88 1.07
N THR A 162 7.57 -29.67 1.06
CA THR A 162 8.52 -30.74 1.37
C THR A 162 8.38 -31.26 2.81
N LEU A 163 8.22 -30.34 3.75
CA LEU A 163 8.05 -30.67 5.14
C LEU A 163 6.70 -31.31 5.41
N GLN A 164 5.61 -30.64 4.95
CA GLN A 164 4.22 -31.03 5.19
C GLN A 164 3.80 -32.31 4.53
N ASP A 165 4.04 -32.48 3.24
CA ASP A 165 3.57 -33.69 2.60
C ASP A 165 4.63 -34.43 1.77
N GLU A 166 5.47 -35.22 2.46
CA GLU A 166 6.43 -36.05 1.76
C GLU A 166 6.77 -37.25 2.59
N ASN A 167 7.31 -38.31 1.93
CA ASN A 167 7.79 -39.48 2.65
C ASN A 167 8.96 -39.01 3.50
N LEU A 168 9.70 -37.98 3.00
CA LEU A 168 10.78 -37.33 3.71
C LEU A 168 10.39 -36.93 5.14
N LYS A 169 9.13 -36.43 5.32
CA LYS A 169 8.54 -36.01 6.59
C LYS A 169 8.64 -37.11 7.67
N THR A 170 8.41 -38.38 7.27
CA THR A 170 8.49 -39.56 8.15
C THR A 170 9.91 -39.70 8.69
N LYS A 171 10.90 -39.50 7.82
CA LYS A 171 12.32 -39.57 8.14
C LYS A 171 12.77 -38.35 8.95
N ILE A 172 12.30 -37.12 8.54
CA ILE A 172 12.61 -35.81 9.15
C ILE A 172 12.17 -35.78 10.62
N PRO A 173 13.07 -35.41 11.57
CA PRO A 173 12.66 -35.34 12.99
C PRO A 173 11.58 -34.27 13.22
N LYS A 174 10.58 -34.63 14.02
CA LYS A 174 9.43 -33.80 14.38
C LYS A 174 9.79 -32.45 14.95
N ASP A 175 10.82 -32.40 15.81
CA ASP A 175 11.30 -31.16 16.43
C ASP A 175 11.84 -30.15 15.41
N ASP A 176 12.67 -30.63 14.47
CA ASP A 176 13.27 -29.83 13.39
C ASP A 176 12.22 -29.35 12.40
N SER A 177 11.21 -30.20 12.12
CA SER A 177 10.10 -29.88 11.21
C SER A 177 9.26 -28.73 11.77
N GLU A 178 8.93 -28.79 13.07
CA GLU A 178 8.15 -27.78 13.79
C GLU A 178 8.84 -26.42 13.77
N LYS A 179 10.13 -26.39 14.12
CA LYS A 179 11.00 -25.19 14.15
C LYS A 179 11.11 -24.54 12.75
N CYS A 180 11.32 -25.37 11.73
CA CYS A 180 11.45 -24.97 10.33
C CYS A 180 10.16 -24.37 9.79
N MET A 181 9.02 -25.03 10.06
CA MET A 181 7.69 -24.60 9.64
C MET A 181 7.36 -23.19 10.14
N LYS A 182 7.70 -22.91 11.41
CA LYS A 182 7.51 -21.62 12.08
C LYS A 182 8.28 -20.50 11.38
N THR A 183 9.54 -20.79 10.96
CA THR A 183 10.43 -19.87 10.25
C THR A 183 9.82 -19.46 8.91
N VAL A 184 9.30 -20.45 8.15
CA VAL A 184 8.66 -20.23 6.85
C VAL A 184 7.40 -19.36 7.05
N LYS A 185 6.57 -19.70 8.06
CA LYS A 185 5.33 -18.99 8.42
C LYS A 185 5.59 -17.51 8.71
N SER A 186 6.68 -17.22 9.45
CA SER A 186 7.11 -15.86 9.80
C SER A 186 7.51 -15.02 8.59
N VAL A 187 8.12 -15.67 7.57
CA VAL A 187 8.53 -14.99 6.34
C VAL A 187 7.29 -14.71 5.48
N LEU A 188 6.30 -15.64 5.47
CA LEU A 188 5.04 -15.47 4.73
C LEU A 188 4.27 -14.25 5.24
N ASP A 189 4.22 -14.07 6.56
CA ASP A 189 3.58 -12.95 7.24
C ASP A 189 4.33 -11.66 6.92
N TRP A 190 5.69 -11.71 6.91
CA TRP A 190 6.56 -10.57 6.56
C TRP A 190 6.31 -10.15 5.11
N LEU A 191 6.09 -11.15 4.22
CA LEU A 191 5.85 -10.94 2.79
C LEU A 191 4.53 -10.22 2.52
N GLU A 192 3.50 -10.54 3.33
CA GLU A 192 2.17 -9.92 3.24
C GLU A 192 2.25 -8.46 3.67
N LYS A 193 2.90 -8.20 4.83
CA LYS A 193 3.09 -6.87 5.42
C LYS A 193 3.94 -5.99 4.51
N ASN A 194 5.06 -6.54 3.99
CA ASN A 194 5.94 -5.81 3.09
C ASN A 194 5.68 -6.23 1.65
N GLN A 195 4.72 -5.55 1.02
CA GLN A 195 4.33 -5.83 -0.37
C GLN A 195 5.50 -5.53 -1.33
N THR A 196 6.20 -4.40 -1.09
CA THR A 196 7.36 -3.94 -1.86
C THR A 196 8.55 -3.85 -0.93
N ALA A 197 9.63 -4.56 -1.29
CA ALA A 197 10.88 -4.54 -0.54
C ALA A 197 12.08 -4.65 -1.49
N GLU A 198 13.28 -4.31 -1.00
CA GLU A 198 14.51 -4.38 -1.79
C GLU A 198 14.97 -5.81 -1.99
N THR A 199 15.65 -6.07 -3.13
CA THR A 199 16.20 -7.37 -3.51
C THR A 199 17.00 -8.03 -2.37
N GLU A 200 17.85 -7.23 -1.70
CA GLU A 200 18.68 -7.66 -0.57
C GLU A 200 17.83 -8.14 0.61
N GLU A 201 16.71 -7.44 0.90
CA GLU A 201 15.78 -7.78 1.98
C GLU A 201 15.18 -9.15 1.75
N TYR A 202 14.80 -9.47 0.49
CA TYR A 202 14.23 -10.75 0.08
C TYR A 202 15.26 -11.86 0.29
N ASN A 203 16.50 -11.63 -0.18
CA ASN A 203 17.62 -12.56 -0.03
C ASN A 203 17.98 -12.82 1.42
N GLU A 204 17.85 -11.80 2.29
CA GLU A 204 18.10 -11.88 3.74
C GLU A 204 17.06 -12.80 4.38
N LYS A 205 15.79 -12.69 3.94
CA LYS A 205 14.68 -13.50 4.44
C LYS A 205 14.77 -14.93 3.93
N GLU A 206 15.34 -15.10 2.72
CA GLU A 206 15.55 -16.39 2.08
C GLU A 206 16.57 -17.18 2.87
N LYS A 207 17.68 -16.52 3.25
CA LYS A 207 18.76 -17.11 4.05
C LYS A 207 18.29 -17.49 5.45
N ASP A 208 17.21 -16.85 5.96
CA ASP A 208 16.64 -17.16 7.28
C ASP A 208 16.01 -18.57 7.29
N ILE A 209 15.23 -18.93 6.25
CA ILE A 209 14.63 -20.25 6.11
C ILE A 209 15.77 -21.21 5.74
N SER A 210 16.63 -20.81 4.79
CA SER A 210 17.79 -21.53 4.26
C SER A 210 18.70 -22.06 5.37
N SER A 211 19.11 -21.18 6.32
CA SER A 211 19.98 -21.49 7.46
C SER A 211 19.48 -22.67 8.32
N VAL A 212 18.16 -22.84 8.41
CA VAL A 212 17.52 -23.90 9.20
C VAL A 212 17.23 -25.15 8.32
N TYR A 213 16.75 -24.92 7.09
CA TYR A 213 16.34 -25.95 6.13
C TYR A 213 17.49 -26.74 5.51
N ASN A 214 18.57 -26.07 5.03
CA ASN A 214 19.73 -26.73 4.41
C ASN A 214 20.30 -27.85 5.28
N PRO A 215 20.56 -27.66 6.61
CA PRO A 215 21.07 -28.78 7.43
C PRO A 215 20.17 -30.01 7.43
N ILE A 216 18.83 -29.82 7.41
CA ILE A 216 17.86 -30.93 7.37
C ILE A 216 18.04 -31.72 6.08
N MET A 217 18.14 -31.01 4.94
CA MET A 217 18.33 -31.60 3.61
C MET A 217 19.63 -32.35 3.48
N THR A 218 20.76 -31.77 3.98
CA THR A 218 22.08 -32.42 3.97
C THR A 218 21.99 -33.77 4.71
N LYS A 219 21.36 -33.77 5.89
CA LYS A 219 21.14 -34.96 6.74
C LYS A 219 20.36 -36.07 6.00
N ILE A 220 19.34 -35.69 5.20
CA ILE A 220 18.52 -36.61 4.40
C ILE A 220 19.38 -37.34 3.35
N TYR A 221 20.20 -36.57 2.62
CA TYR A 221 21.06 -37.08 1.54
C TYR A 221 22.38 -37.65 2.03
N GLN A 222 22.63 -37.62 3.34
CA GLN A 222 23.82 -38.15 3.99
C GLN A 222 23.85 -39.67 3.89
N PRO B 2 -17.20 -14.35 -22.85
CA PRO B 2 -17.73 -13.14 -22.20
C PRO B 2 -16.66 -12.07 -22.04
N LEU B 3 -16.89 -10.89 -22.63
CA LEU B 3 -15.88 -9.85 -22.50
C LEU B 3 -16.15 -9.01 -21.26
N LEU B 4 -15.06 -8.66 -20.55
CA LEU B 4 -15.10 -7.84 -19.37
C LEU B 4 -15.36 -6.43 -19.77
N ASP B 5 -16.17 -5.78 -18.99
CA ASP B 5 -16.35 -4.40 -19.30
C ASP B 5 -15.34 -3.61 -18.41
N VAL B 6 -14.74 -2.52 -18.95
CA VAL B 6 -13.77 -1.67 -18.24
C VAL B 6 -14.13 -0.16 -18.28
N CYS B 7 -13.54 0.62 -17.37
CA CYS B 7 -13.73 2.06 -17.29
C CYS B 7 -13.05 2.71 -18.50
N PRO B 8 -13.79 3.35 -19.43
CA PRO B 8 -13.15 3.89 -20.66
C PRO B 8 -12.04 4.90 -20.40
N LEU B 9 -12.34 5.90 -19.57
CA LEU B 9 -11.40 6.96 -19.22
C LEU B 9 -11.36 7.18 -17.73
N SER B 10 -10.24 7.74 -17.24
CA SER B 10 -10.05 8.04 -15.83
C SER B 10 -11.05 9.08 -15.34
N LEU B 11 -11.61 8.84 -14.16
CA LEU B 11 -12.60 9.72 -13.56
C LEU B 11 -12.08 10.31 -12.29
N GLY B 12 -12.31 11.60 -12.14
CA GLY B 12 -11.90 12.34 -10.97
C GLY B 12 -12.67 13.63 -10.80
N LEU B 13 -12.16 14.48 -9.91
CA LEU B 13 -12.76 15.77 -9.59
C LEU B 13 -11.75 16.90 -9.59
N GLU B 14 -12.25 18.14 -9.65
CA GLU B 14 -11.40 19.32 -9.62
C GLU B 14 -11.02 19.67 -8.19
N THR B 15 -9.71 19.85 -7.97
CA THR B 15 -9.17 20.32 -6.69
C THR B 15 -8.57 21.71 -6.91
N ALA B 16 -8.11 22.35 -5.82
CA ALA B 16 -7.56 23.71 -5.82
C ALA B 16 -6.59 23.97 -6.96
N GLY B 17 -6.93 24.97 -7.76
CA GLY B 17 -6.12 25.39 -8.90
C GLY B 17 -6.41 24.71 -10.20
N GLY B 18 -7.64 24.24 -10.34
CA GLY B 18 -8.15 23.56 -11.52
C GLY B 18 -7.36 22.33 -11.90
N VAL B 19 -6.98 21.51 -10.90
CA VAL B 19 -6.19 20.30 -11.10
C VAL B 19 -7.06 19.05 -11.03
N MET B 20 -6.86 18.16 -12.02
CA MET B 20 -7.58 16.91 -12.16
C MET B 20 -7.00 15.87 -11.20
N THR B 21 -7.81 15.53 -10.18
CA THR B 21 -7.49 14.55 -9.16
C THR B 21 -8.30 13.31 -9.43
N LYS B 22 -7.65 12.29 -10.00
CA LYS B 22 -8.28 11.02 -10.38
C LYS B 22 -8.58 10.15 -9.19
N LEU B 23 -9.78 9.56 -9.17
CA LEU B 23 -10.21 8.65 -8.12
C LEU B 23 -10.35 7.24 -8.67
N ILE B 24 -10.76 7.13 -9.95
CA ILE B 24 -10.89 5.86 -10.68
C ILE B 24 -9.99 5.92 -11.90
N GLU B 25 -8.99 5.03 -11.98
CA GLU B 25 -8.06 4.99 -13.11
C GLU B 25 -8.71 4.42 -14.36
N ARG B 26 -8.09 4.63 -15.52
CA ARG B 26 -8.58 4.15 -16.81
C ARG B 26 -8.41 2.63 -16.91
N ASN B 27 -9.34 1.96 -17.64
CA ASN B 27 -9.41 0.51 -17.91
C ASN B 27 -9.58 -0.33 -16.62
N THR B 28 -10.17 0.23 -15.56
CA THR B 28 -10.45 -0.50 -14.32
C THR B 28 -11.72 -1.32 -14.52
N THR B 29 -12.00 -2.29 -13.65
CA THR B 29 -13.20 -3.14 -13.73
C THR B 29 -14.49 -2.31 -13.70
N ILE B 30 -15.54 -2.72 -14.44
CA ILE B 30 -16.84 -2.04 -14.45
C ILE B 30 -17.45 -2.00 -13.08
N PRO B 31 -17.53 -3.13 -12.37
CA PRO B 31 -18.08 -3.03 -11.03
C PRO B 31 -16.93 -2.75 -10.06
N THR B 32 -16.81 -1.47 -9.64
CA THR B 32 -15.80 -1.02 -8.68
C THR B 32 -16.22 0.33 -8.07
N LYS B 33 -15.81 0.53 -6.80
CA LYS B 33 -16.10 1.75 -6.04
C LYS B 33 -14.88 2.19 -5.24
N LYS B 34 -14.57 3.48 -5.32
CA LYS B 34 -13.43 4.10 -4.63
C LYS B 34 -13.81 5.41 -3.95
N ASN B 35 -13.10 5.75 -2.87
CA ASN B 35 -13.33 6.96 -2.09
C ASN B 35 -12.05 7.64 -1.63
N GLN B 36 -12.11 8.94 -1.38
CA GLN B 36 -11.00 9.75 -0.93
C GLN B 36 -11.50 10.90 -0.06
N ILE B 37 -10.68 11.34 0.91
CA ILE B 37 -11.02 12.41 1.82
C ILE B 37 -10.35 13.72 1.38
N PHE B 38 -11.17 14.80 1.37
CA PHE B 38 -10.80 16.15 0.98
C PHE B 38 -11.20 17.15 2.05
N THR B 39 -10.63 18.37 2.01
CA THR B 39 -10.90 19.43 2.98
C THR B 39 -11.29 20.74 2.31
N THR B 40 -11.51 21.79 3.12
CA THR B 40 -11.87 23.11 2.63
C THR B 40 -10.65 23.89 2.20
N TYR B 41 -10.79 24.74 1.21
CA TYR B 41 -9.71 25.56 0.67
C TYR B 41 -9.52 26.81 1.52
N ALA B 42 -10.61 27.40 2.02
CA ALA B 42 -10.58 28.61 2.83
C ALA B 42 -11.32 28.47 4.16
N ASP B 43 -11.01 29.38 5.11
CA ASP B 43 -11.59 29.43 6.45
C ASP B 43 -13.08 29.75 6.38
N ASN B 44 -13.87 29.10 7.26
CA ASN B 44 -15.33 29.24 7.38
C ASN B 44 -16.04 29.03 6.03
N GLN B 45 -15.56 28.07 5.24
CA GLN B 45 -16.11 27.74 3.94
C GLN B 45 -17.45 27.04 4.18
N PRO B 46 -18.57 27.62 3.69
CA PRO B 46 -19.88 27.01 3.97
C PRO B 46 -20.22 25.77 3.16
N GLY B 47 -19.58 25.62 2.00
CA GLY B 47 -19.81 24.52 1.08
C GLY B 47 -18.67 24.22 0.13
N VAL B 48 -18.71 23.04 -0.52
CA VAL B 48 -17.71 22.61 -1.50
C VAL B 48 -18.35 22.26 -2.85
N LEU B 49 -17.74 22.70 -3.95
CA LEU B 49 -18.27 22.40 -5.29
C LEU B 49 -17.56 21.19 -5.88
N ILE B 50 -18.33 20.10 -6.03
CA ILE B 50 -17.84 18.85 -6.59
C ILE B 50 -18.00 18.90 -8.11
N GLN B 51 -16.88 19.00 -8.81
CA GLN B 51 -16.82 19.09 -10.25
C GLN B 51 -16.27 17.78 -10.83
N VAL B 52 -17.13 16.93 -11.41
CA VAL B 52 -16.79 15.61 -11.96
C VAL B 52 -16.24 15.69 -13.40
N TYR B 53 -14.96 15.32 -13.59
CA TYR B 53 -14.30 15.33 -14.89
C TYR B 53 -13.88 13.95 -15.37
N GLU B 54 -13.80 13.79 -16.69
CA GLU B 54 -13.40 12.57 -17.38
C GLU B 54 -12.29 12.94 -18.38
N GLY B 55 -11.19 12.19 -18.32
CA GLY B 55 -10.03 12.41 -19.19
C GLY B 55 -8.70 12.00 -18.58
N GLU B 56 -7.61 12.17 -19.35
CA GLU B 56 -6.26 11.77 -18.93
C GLU B 56 -5.30 12.94 -18.72
N ARG B 57 -5.77 14.17 -18.99
CA ARG B 57 -4.98 15.38 -18.85
C ARG B 57 -4.83 15.78 -17.40
N ALA B 58 -3.73 16.45 -17.06
CA ALA B 58 -3.46 16.88 -15.68
C ALA B 58 -4.34 18.04 -15.21
N MET B 59 -4.84 18.87 -16.16
CA MET B 59 -5.71 20.02 -15.87
C MET B 59 -7.14 19.73 -16.23
N THR B 60 -8.07 20.20 -15.40
CA THR B 60 -9.50 19.99 -15.54
C THR B 60 -10.09 20.55 -16.81
N LYS B 61 -9.65 21.73 -17.25
CA LYS B 61 -10.17 22.36 -18.48
C LYS B 61 -10.04 21.48 -19.74
N ASP B 62 -8.92 20.74 -19.85
CA ASP B 62 -8.63 19.83 -20.95
C ASP B 62 -9.56 18.60 -20.94
N ASN B 63 -9.89 18.11 -19.74
CA ASN B 63 -10.77 16.97 -19.55
C ASN B 63 -12.25 17.40 -19.67
N ASN B 64 -13.13 16.47 -20.09
CA ASN B 64 -14.55 16.72 -20.27
C ASN B 64 -15.34 16.61 -19.00
N LEU B 65 -16.07 17.67 -18.70
CA LEU B 65 -16.90 17.75 -17.53
C LEU B 65 -18.16 16.92 -17.68
N LEU B 66 -18.34 15.94 -16.79
CA LEU B 66 -19.50 15.06 -16.80
C LEU B 66 -20.70 15.63 -16.07
N GLY B 67 -20.42 16.28 -14.94
CA GLY B 67 -21.45 16.86 -14.09
C GLY B 67 -20.87 17.48 -12.85
N LYS B 68 -21.61 18.41 -12.25
CA LYS B 68 -21.19 19.15 -11.05
C LYS B 68 -22.35 19.29 -10.07
N PHE B 69 -22.08 19.12 -8.77
CA PHE B 69 -23.06 19.31 -7.68
C PHE B 69 -22.37 19.97 -6.48
N GLN B 70 -23.17 20.52 -5.54
CA GLN B 70 -22.60 21.21 -4.38
C GLN B 70 -23.08 20.66 -3.05
N LEU B 71 -22.16 20.55 -2.08
CA LEU B 71 -22.48 20.13 -0.73
C LEU B 71 -22.39 21.37 0.16
N GLU B 72 -23.52 21.79 0.73
CA GLU B 72 -23.64 22.94 1.63
C GLU B 72 -23.88 22.49 3.08
N GLY B 73 -23.85 23.43 4.01
CA GLY B 73 -24.07 23.14 5.42
C GLY B 73 -22.82 22.76 6.18
N ILE B 74 -21.63 23.07 5.59
CA ILE B 74 -20.35 22.83 6.24
C ILE B 74 -20.23 23.80 7.40
N PRO B 75 -19.94 23.30 8.62
CA PRO B 75 -19.82 24.17 9.78
C PRO B 75 -18.61 25.11 9.65
N PRO B 76 -18.69 26.37 10.14
CA PRO B 76 -17.53 27.27 10.02
C PRO B 76 -16.32 26.67 10.75
N ALA B 77 -15.18 26.58 10.05
CA ALA B 77 -13.97 25.97 10.62
C ALA B 77 -12.71 26.42 9.85
N PRO B 78 -11.48 26.19 10.42
CA PRO B 78 -10.26 26.56 9.69
C PRO B 78 -10.08 25.86 8.35
N ARG B 79 -9.09 26.33 7.57
CA ARG B 79 -8.76 25.97 6.21
C ARG B 79 -8.68 24.47 5.96
N SER B 80 -7.95 23.73 6.76
CA SER B 80 -7.82 22.31 6.45
C SER B 80 -8.49 21.35 7.44
N VAL B 81 -9.23 21.91 8.42
CA VAL B 81 -9.91 21.11 9.45
C VAL B 81 -11.07 20.19 8.91
N PRO B 82 -12.05 20.67 8.10
CA PRO B 82 -13.15 19.79 7.66
C PRO B 82 -12.76 18.53 6.88
N GLN B 83 -13.47 17.42 7.09
CA GLN B 83 -13.19 16.14 6.44
C GLN B 83 -14.38 15.73 5.60
N ILE B 84 -14.19 15.69 4.28
CA ILE B 84 -15.23 15.31 3.31
C ILE B 84 -14.83 14.05 2.57
N GLU B 85 -15.68 13.05 2.60
CA GLU B 85 -15.45 11.79 1.89
C GLU B 85 -16.22 11.79 0.59
N VAL B 86 -15.49 11.73 -0.52
CA VAL B 86 -16.07 11.69 -1.86
C VAL B 86 -15.98 10.28 -2.39
N THR B 87 -17.14 9.68 -2.71
CA THR B 87 -17.26 8.32 -3.21
C THR B 87 -17.67 8.27 -4.67
N PHE B 88 -16.85 7.62 -5.51
CA PHE B 88 -17.09 7.41 -6.94
C PHE B 88 -17.47 5.96 -7.11
N ASP B 89 -18.75 5.71 -7.35
CA ASP B 89 -19.25 4.35 -7.44
C ASP B 89 -19.69 4.03 -8.86
N ILE B 90 -19.12 2.98 -9.45
CA ILE B 90 -19.54 2.60 -10.79
C ILE B 90 -20.33 1.31 -10.74
N ASP B 91 -21.55 1.35 -11.30
CA ASP B 91 -22.52 0.26 -11.44
C ASP B 91 -21.98 -0.72 -12.47
N ALA B 92 -22.47 -1.97 -12.46
CA ALA B 92 -22.08 -3.00 -13.43
C ALA B 92 -22.45 -2.56 -14.88
N ASN B 93 -23.49 -1.73 -15.02
CA ASN B 93 -23.94 -1.16 -16.29
C ASN B 93 -23.06 -0.01 -16.75
N GLY B 94 -22.36 0.63 -15.82
CA GLY B 94 -21.48 1.74 -16.13
C GLY B 94 -21.95 3.05 -15.53
N ILE B 95 -23.09 3.02 -14.82
CA ILE B 95 -23.69 4.19 -14.16
C ILE B 95 -22.80 4.68 -13.01
N LEU B 96 -22.33 5.93 -13.11
CA LEU B 96 -21.50 6.53 -12.08
C LEU B 96 -22.34 7.32 -11.08
N ASN B 97 -22.13 7.03 -9.79
CA ASN B 97 -22.83 7.66 -8.68
C ASN B 97 -21.79 8.29 -7.77
N VAL B 98 -21.70 9.63 -7.77
CA VAL B 98 -20.74 10.39 -6.99
C VAL B 98 -21.42 10.98 -5.77
N THR B 99 -20.90 10.67 -4.57
CA THR B 99 -21.47 11.15 -3.30
C THR B 99 -20.44 11.88 -2.47
N ALA B 100 -20.76 13.08 -1.99
CA ALA B 100 -19.89 13.86 -1.10
C ALA B 100 -20.51 13.87 0.27
N LEU B 101 -19.78 13.42 1.30
CA LEU B 101 -20.29 13.33 2.66
C LEU B 101 -19.41 14.03 3.66
N ASP B 102 -20.02 14.85 4.52
CA ASP B 102 -19.32 15.51 5.60
C ASP B 102 -19.20 14.52 6.73
N LYS B 103 -17.97 14.20 7.15
CA LYS B 103 -17.72 13.23 8.22
C LYS B 103 -18.25 13.68 9.57
N GLY B 104 -18.06 14.96 9.87
CA GLY B 104 -18.51 15.58 11.10
C GLY B 104 -20.01 15.68 11.23
N THR B 105 -20.66 16.46 10.33
CA THR B 105 -22.11 16.65 10.34
C THR B 105 -22.87 15.38 9.91
N GLY B 106 -22.37 14.64 8.94
CA GLY B 106 -23.07 13.47 8.43
C GLY B 106 -23.98 13.83 7.27
N LYS B 107 -24.00 15.13 6.90
CA LYS B 107 -24.78 15.66 5.79
C LYS B 107 -24.10 15.26 4.50
N GLN B 108 -24.90 14.80 3.53
CA GLN B 108 -24.39 14.36 2.24
C GLN B 108 -25.22 14.80 1.07
N ASN B 109 -24.60 14.81 -0.13
CA ASN B 109 -25.24 15.11 -1.39
C ASN B 109 -24.66 14.20 -2.46
N GLN B 110 -25.49 13.85 -3.45
CA GLN B 110 -25.08 12.96 -4.52
C GLN B 110 -25.71 13.26 -5.85
N ILE B 111 -25.00 12.87 -6.93
CA ILE B 111 -25.47 12.96 -8.31
C ILE B 111 -25.20 11.65 -9.03
N THR B 112 -25.98 11.38 -10.09
CA THR B 112 -25.86 10.17 -10.89
C THR B 112 -25.62 10.55 -12.36
N ILE B 113 -24.57 9.97 -12.97
CA ILE B 113 -24.18 10.18 -14.36
C ILE B 113 -24.44 8.88 -15.10
N THR B 114 -25.28 8.94 -16.14
CA THR B 114 -25.64 7.76 -16.92
C THR B 114 -24.75 7.57 -18.14
N ASN B 115 -24.08 6.40 -18.24
CA ASN B 115 -23.23 6.08 -19.38
C ASN B 115 -24.12 5.74 -20.56
N ASP B 116 -23.85 6.36 -21.70
CA ASP B 116 -24.62 6.13 -22.93
C ASP B 116 -23.74 5.52 -24.00
N LYS B 117 -24.28 4.55 -24.75
CA LYS B 117 -23.55 3.89 -25.83
C LYS B 117 -23.39 4.89 -26.97
N GLY B 118 -22.15 5.06 -27.42
CA GLY B 118 -21.83 6.01 -28.49
C GLY B 118 -21.52 7.41 -27.99
N ARG B 119 -21.44 7.61 -26.64
CA ARG B 119 -21.11 8.90 -26.01
C ARG B 119 -19.67 9.25 -26.40
N LEU B 120 -18.80 8.23 -26.45
CA LEU B 120 -17.40 8.34 -26.83
C LEU B 120 -17.03 7.13 -27.64
N SER B 121 -16.45 7.37 -28.81
CA SER B 121 -16.00 6.32 -29.72
C SER B 121 -14.64 5.81 -29.25
N LYS B 122 -14.34 4.52 -29.49
CA LYS B 122 -13.07 3.86 -29.12
C LYS B 122 -11.86 4.61 -29.65
N ASP B 123 -11.95 5.05 -30.92
CA ASP B 123 -10.90 5.82 -31.58
C ASP B 123 -10.77 7.19 -30.93
N ASP B 124 -11.92 7.85 -30.65
CA ASP B 124 -11.95 9.16 -29.98
C ASP B 124 -11.22 9.05 -28.63
N ILE B 125 -11.53 7.99 -27.84
CA ILE B 125 -10.89 7.70 -26.55
C ILE B 125 -9.38 7.53 -26.75
N ASP B 126 -8.99 6.73 -27.76
CA ASP B 126 -7.59 6.49 -28.12
C ASP B 126 -6.87 7.80 -28.45
N ARG B 127 -7.55 8.71 -29.17
CA ARG B 127 -7.03 10.03 -29.52
C ARG B 127 -6.83 10.88 -28.27
N MET B 128 -7.80 10.83 -27.34
CA MET B 128 -7.72 11.54 -26.05
C MET B 128 -6.51 11.03 -25.24
N VAL B 129 -6.31 9.69 -25.20
CA VAL B 129 -5.19 9.04 -24.50
C VAL B 129 -3.86 9.48 -25.13
N ASN B 130 -3.78 9.46 -26.47
CA ASN B 130 -2.58 9.87 -27.23
C ASN B 130 -2.28 11.36 -27.03
N ASP B 131 -3.33 12.20 -26.96
CA ASP B 131 -3.22 13.64 -26.70
C ASP B 131 -2.54 13.81 -25.34
N ALA B 132 -2.96 13.02 -24.32
CA ALA B 132 -2.36 13.07 -22.99
C ALA B 132 -0.84 12.87 -23.05
N GLU B 133 -0.36 11.90 -23.85
CA GLU B 133 1.07 11.63 -24.02
C GLU B 133 1.78 12.70 -24.85
N LYS B 134 1.02 13.34 -25.78
CA LYS B 134 1.51 14.41 -26.67
C LYS B 134 1.91 15.65 -25.87
N TYR B 135 1.00 16.17 -25.02
CA TYR B 135 1.30 17.33 -24.21
C TYR B 135 1.76 16.98 -22.80
N LYS B 136 2.10 15.71 -22.54
CA LYS B 136 2.57 15.20 -21.25
C LYS B 136 3.65 16.07 -20.60
N GLU B 137 4.66 16.43 -21.39
CA GLU B 137 5.78 17.26 -20.99
C GLU B 137 5.30 18.66 -20.60
N GLU B 138 4.39 19.23 -21.41
CA GLU B 138 3.81 20.56 -21.20
C GLU B 138 2.89 20.57 -19.96
N ASP B 139 2.17 19.46 -19.73
CA ASP B 139 1.26 19.33 -18.58
C ASP B 139 2.01 19.43 -17.26
N GLU B 140 3.17 18.74 -17.18
CA GLU B 140 4.04 18.73 -16.00
C GLU B 140 4.43 20.15 -15.59
N GLN B 141 4.77 20.99 -16.59
CA GLN B 141 5.15 22.39 -16.41
C GLN B 141 3.99 23.16 -15.83
N ASN B 142 2.75 22.92 -16.33
CA ASN B 142 1.52 23.55 -15.84
C ASN B 142 1.23 23.15 -14.39
N LYS B 143 1.32 21.84 -14.06
CA LYS B 143 1.13 21.29 -12.70
C LYS B 143 2.09 21.94 -11.75
N ASN B 144 3.41 21.93 -12.06
CA ASN B 144 4.47 22.54 -11.25
C ASN B 144 4.17 24.00 -10.92
N ARG B 145 3.72 24.78 -11.93
CA ARG B 145 3.33 26.20 -11.81
C ARG B 145 2.17 26.37 -10.81
N ILE B 146 1.15 25.49 -10.93
CA ILE B 146 -0.04 25.45 -10.05
C ILE B 146 0.37 25.10 -8.63
N GLU B 147 1.22 24.06 -8.48
CA GLU B 147 1.74 23.61 -7.18
C GLU B 147 2.44 24.74 -6.47
N ALA B 148 3.31 25.49 -7.19
CA ALA B 148 4.03 26.65 -6.67
C ALA B 148 3.08 27.73 -6.15
N ARG B 149 1.98 28.01 -6.89
CA ARG B 149 0.93 28.98 -6.50
C ARG B 149 0.30 28.51 -5.21
N ASN B 150 -0.19 27.25 -5.17
CA ASN B 150 -0.81 26.61 -4.00
C ASN B 150 0.11 26.65 -2.77
N ASN B 151 1.43 26.36 -2.94
CA ASN B 151 2.44 26.39 -1.89
C ASN B 151 2.64 27.79 -1.33
N LEU B 152 2.63 28.82 -2.20
CA LEU B 152 2.76 30.23 -1.79
C LEU B 152 1.49 30.66 -1.02
N GLU B 153 0.30 30.24 -1.51
CA GLU B 153 -1.00 30.52 -0.90
C GLU B 153 -1.02 29.98 0.52
N ASN B 154 -0.60 28.72 0.67
CA ASN B 154 -0.51 27.99 1.93
C ASN B 154 0.49 28.65 2.87
N TYR B 155 1.69 29.01 2.36
CA TYR B 155 2.77 29.65 3.12
C TYR B 155 2.31 30.94 3.76
N CYS B 156 1.57 31.79 3.02
CA CYS B 156 1.00 33.05 3.50
C CYS B 156 0.09 32.80 4.68
N TYR B 157 -0.83 31.85 4.51
CA TYR B 157 -1.82 31.50 5.51
C TYR B 157 -1.16 31.00 6.80
N ASN B 158 -0.22 30.04 6.66
CA ASN B 158 0.50 29.46 7.78
C ASN B 158 1.31 30.48 8.54
N VAL B 159 2.02 31.36 7.81
CA VAL B 159 2.83 32.43 8.41
C VAL B 159 1.96 33.40 9.24
N LYS B 160 0.85 33.87 8.63
CA LYS B 160 -0.10 34.74 9.27
C LYS B 160 -0.66 34.07 10.52
N ASN B 161 -1.08 32.80 10.41
CA ASN B 161 -1.58 32.02 11.55
C ASN B 161 -0.51 31.93 12.66
N THR B 162 0.77 31.66 12.32
CA THR B 162 1.83 31.57 13.34
C THR B 162 2.06 32.87 14.07
N LEU B 163 2.05 33.98 13.33
CA LEU B 163 2.24 35.30 13.88
C LEU B 163 1.08 35.70 14.79
N GLN B 164 -0.15 35.34 14.39
CA GLN B 164 -1.37 35.60 15.15
C GLN B 164 -1.60 34.61 16.32
N ASP B 165 -0.78 33.51 16.42
CA ASP B 165 -0.86 32.52 17.50
C ASP B 165 -0.52 33.25 18.79
N GLU B 166 -1.44 33.17 19.78
CA GLU B 166 -1.31 33.83 21.08
C GLU B 166 -0.01 33.49 21.79
N ASN B 167 0.34 32.20 21.78
CA ASN B 167 1.52 31.67 22.45
C ASN B 167 2.85 32.18 21.90
N LEU B 168 2.94 32.34 20.57
CA LEU B 168 4.17 32.79 19.91
C LEU B 168 4.34 34.30 19.87
N LYS B 169 3.23 35.06 20.02
CA LYS B 169 3.22 36.53 20.06
C LYS B 169 4.19 37.04 21.16
N THR B 170 4.25 36.32 22.31
CA THR B 170 5.14 36.62 23.43
C THR B 170 6.60 36.40 23.02
N LYS B 171 6.89 35.38 22.19
CA LYS B 171 8.26 35.09 21.72
C LYS B 171 8.72 36.04 20.62
N ILE B 172 7.80 36.53 19.83
CA ILE B 172 8.10 37.39 18.70
C ILE B 172 8.01 38.89 19.04
N PRO B 173 9.08 39.69 18.76
CA PRO B 173 8.99 41.14 19.00
C PRO B 173 7.92 41.82 18.14
N LYS B 174 7.14 42.75 18.73
CA LYS B 174 6.03 43.49 18.11
C LYS B 174 6.41 44.17 16.79
N ASP B 175 7.59 44.80 16.73
CA ASP B 175 8.10 45.51 15.55
C ASP B 175 8.30 44.59 14.37
N ASP B 176 8.97 43.42 14.61
CA ASP B 176 9.26 42.40 13.61
C ASP B 176 7.97 41.75 13.10
N SER B 177 7.00 41.52 14.01
CA SER B 177 5.69 40.91 13.70
C SER B 177 4.89 41.79 12.78
N GLU B 178 4.82 43.11 13.08
CA GLU B 178 4.10 44.11 12.28
C GLU B 178 4.65 44.16 10.83
N LYS B 179 5.98 44.25 10.73
CA LYS B 179 6.73 44.31 9.48
C LYS B 179 6.51 43.07 8.60
N CYS B 180 6.51 41.89 9.23
CA CYS B 180 6.33 40.62 8.54
C CYS B 180 4.92 40.47 8.03
N MET B 181 3.92 40.81 8.86
CA MET B 181 2.50 40.73 8.49
C MET B 181 2.20 41.56 7.25
N LYS B 182 2.74 42.77 7.18
CA LYS B 182 2.60 43.69 6.05
C LYS B 182 3.13 43.04 4.77
N THR B 183 4.27 42.33 4.86
CA THR B 183 4.90 41.60 3.75
C THR B 183 4.00 40.49 3.24
N VAL B 184 3.39 39.72 4.14
CA VAL B 184 2.46 38.64 3.79
C VAL B 184 1.22 39.23 3.11
N LYS B 185 0.66 40.33 3.67
CA LYS B 185 -0.52 41.05 3.15
C LYS B 185 -0.31 41.53 1.71
N SER B 186 0.86 42.11 1.42
CA SER B 186 1.21 42.60 0.09
C SER B 186 1.27 41.46 -0.93
N VAL B 187 1.80 40.29 -0.52
CA VAL B 187 1.90 39.08 -1.32
C VAL B 187 0.49 38.54 -1.65
N LEU B 188 -0.44 38.58 -0.67
CA LEU B 188 -1.83 38.13 -0.82
C LEU B 188 -2.60 38.96 -1.85
N ASP B 189 -2.40 40.30 -1.82
CA ASP B 189 -3.01 41.25 -2.75
C ASP B 189 -2.47 41.02 -4.17
N TRP B 190 -1.14 40.78 -4.28
CA TRP B 190 -0.45 40.48 -5.53
C TRP B 190 -1.00 39.17 -6.12
N LEU B 191 -1.29 38.19 -5.26
CA LEU B 191 -1.81 36.87 -5.66
C LEU B 191 -3.21 36.95 -6.25
N GLU B 192 -4.06 37.85 -5.70
CA GLU B 192 -5.43 38.09 -6.16
C GLU B 192 -5.39 38.74 -7.55
N LYS B 193 -4.58 39.81 -7.70
CA LYS B 193 -4.39 40.56 -8.94
C LYS B 193 -3.77 39.69 -10.03
N ASN B 194 -2.73 38.93 -9.70
CA ASN B 194 -2.08 38.04 -10.65
C ASN B 194 -2.57 36.62 -10.43
N GLN B 195 -3.69 36.26 -11.10
CA GLN B 195 -4.30 34.94 -11.02
C GLN B 195 -3.36 33.88 -11.58
N THR B 196 -2.71 34.18 -12.72
CA THR B 196 -1.74 33.30 -13.38
C THR B 196 -0.42 34.04 -13.48
N ALA B 197 0.64 33.43 -12.93
CA ALA B 197 2.00 33.97 -12.96
C ALA B 197 3.02 32.84 -13.16
N GLU B 198 4.27 33.21 -13.50
CA GLU B 198 5.34 32.23 -13.74
C GLU B 198 5.83 31.66 -12.41
N THR B 199 6.30 30.40 -12.41
CA THR B 199 6.83 29.67 -11.25
C THR B 199 7.86 30.50 -10.48
N GLU B 200 8.80 31.13 -11.23
CA GLU B 200 9.85 31.97 -10.68
C GLU B 200 9.29 33.18 -9.95
N GLU B 201 8.20 33.80 -10.48
CA GLU B 201 7.53 34.94 -9.87
C GLU B 201 6.99 34.58 -8.49
N TYR B 202 6.39 33.37 -8.36
CA TYR B 202 5.85 32.85 -7.10
C TYR B 202 6.96 32.64 -6.09
N ASN B 203 8.06 31.99 -6.53
CA ASN B 203 9.25 31.74 -5.71
C ASN B 203 9.92 33.04 -5.25
N GLU B 204 9.89 34.08 -6.10
CA GLU B 204 10.43 35.41 -5.80
C GLU B 204 9.61 36.07 -4.69
N LYS B 205 8.28 35.90 -4.74
CA LYS B 205 7.33 36.44 -3.74
C LYS B 205 7.43 35.67 -2.43
N GLU B 206 7.75 34.36 -2.51
CA GLU B 206 7.92 33.46 -1.37
C GLU B 206 9.14 33.89 -0.58
N LYS B 207 10.25 34.17 -1.28
CA LYS B 207 11.50 34.62 -0.69
C LYS B 207 11.37 36.00 -0.04
N ASP B 208 10.40 36.82 -0.48
CA ASP B 208 10.14 38.16 0.08
C ASP B 208 9.64 38.03 1.52
N ILE B 209 8.66 37.12 1.77
CA ILE B 209 8.14 36.84 3.10
C ILE B 209 9.29 36.18 3.84
N SER B 210 9.83 35.09 3.27
CA SER B 210 10.91 34.25 3.78
C SER B 210 12.05 35.08 4.38
N SER B 211 12.61 36.05 3.62
CA SER B 211 13.71 36.94 4.04
C SER B 211 13.49 37.64 5.39
N VAL B 212 12.21 37.96 5.70
CA VAL B 212 11.79 38.65 6.93
C VAL B 212 11.37 37.64 8.02
N TYR B 213 10.65 36.58 7.65
CA TYR B 213 10.11 35.55 8.53
C TYR B 213 11.17 34.60 9.10
N ASN B 214 12.10 34.09 8.27
CA ASN B 214 13.17 33.17 8.72
C ASN B 214 13.96 33.70 9.93
N PRO B 215 14.43 34.97 9.95
CA PRO B 215 15.14 35.48 11.14
C PRO B 215 14.33 35.43 12.43
N ILE B 216 13.01 35.63 12.35
CA ILE B 216 12.11 35.56 13.50
C ILE B 216 12.09 34.12 14.05
N MET B 217 11.94 33.14 13.16
CA MET B 217 11.93 31.73 13.48
C MET B 217 13.22 31.27 14.11
N THR B 218 14.37 31.69 13.57
CA THR B 218 15.68 31.33 14.10
C THR B 218 15.81 31.84 15.54
N LYS B 219 15.39 33.09 15.79
CA LYS B 219 15.39 33.75 17.11
C LYS B 219 14.57 32.98 18.16
N ILE B 220 13.42 32.39 17.74
CA ILE B 220 12.53 31.58 18.60
C ILE B 220 13.28 30.33 19.10
N TYR B 221 13.97 29.62 18.20
CA TYR B 221 14.73 28.40 18.49
C TYR B 221 16.17 28.63 18.97
N GLN B 222 16.67 29.88 18.86
CA GLN B 222 18.01 30.26 19.31
C GLN B 222 18.10 30.02 20.83
N GLY B 223 17.07 30.45 21.56
CA GLY B 223 16.98 30.27 23.01
C GLY B 223 16.49 28.89 23.43
N VAL C 6 17.89 -4.68 34.35
CA VAL C 6 18.39 -3.85 33.25
C VAL C 6 17.46 -3.81 32.00
N CYS C 7 17.73 -2.84 31.10
CA CYS C 7 17.00 -2.64 29.84
C CYS C 7 17.31 -3.83 28.93
N PRO C 8 16.30 -4.66 28.57
CA PRO C 8 16.57 -5.86 27.75
C PRO C 8 17.24 -5.57 26.41
N LEU C 9 16.63 -4.66 25.63
CA LEU C 9 17.11 -4.28 24.30
C LEU C 9 17.19 -2.78 24.18
N SER C 10 18.06 -2.31 23.28
CA SER C 10 18.24 -0.88 23.03
C SER C 10 16.98 -0.27 22.43
N LEU C 11 16.64 0.93 22.92
CA LEU C 11 15.47 1.66 22.50
C LEU C 11 15.84 2.96 21.84
N GLY C 12 15.20 3.23 20.72
CA GLY C 12 15.43 4.44 19.97
C GLY C 12 14.28 4.78 19.04
N LEU C 13 14.54 5.71 18.12
CA LEU C 13 13.56 6.15 17.14
C LEU C 13 14.13 6.19 15.72
N GLU C 14 13.24 6.26 14.73
CA GLU C 14 13.66 6.33 13.34
C GLU C 14 14.02 7.76 12.95
N THR C 15 15.20 7.93 12.35
CA THR C 15 15.67 9.21 11.82
C THR C 15 15.73 9.10 10.31
N ALA C 16 16.04 10.20 9.62
CA ALA C 16 16.11 10.29 8.15
C ALA C 16 16.85 9.14 7.51
N GLY C 17 16.16 8.43 6.63
CA GLY C 17 16.70 7.29 5.92
C GLY C 17 16.54 5.95 6.59
N GLY C 18 15.48 5.83 7.39
CA GLY C 18 15.15 4.63 8.13
C GLY C 18 16.27 4.13 9.03
N VAL C 19 16.94 5.06 9.74
CA VAL C 19 18.07 4.80 10.62
C VAL C 19 17.64 4.67 12.07
N MET C 20 18.12 3.63 12.75
CA MET C 20 17.83 3.40 14.16
C MET C 20 18.79 4.24 14.98
N THR C 21 18.23 5.28 15.64
CA THR C 21 18.96 6.20 16.49
C THR C 21 18.59 5.84 17.91
N LYS C 22 19.50 5.14 18.60
CA LYS C 22 19.32 4.67 19.97
C LYS C 22 19.45 5.82 20.95
N LEU C 23 18.54 5.87 21.92
CA LEU C 23 18.55 6.87 22.97
C LEU C 23 18.84 6.21 24.30
N ILE C 24 18.39 4.95 24.46
CA ILE C 24 18.65 4.14 25.65
C ILE C 24 19.38 2.88 25.19
N GLU C 25 20.63 2.70 25.63
CA GLU C 25 21.43 1.53 25.28
C GLU C 25 20.94 0.27 25.98
N ARG C 26 21.35 -0.90 25.48
CA ARG C 26 21.00 -2.19 26.08
C ARG C 26 21.70 -2.36 27.43
N ASN C 27 21.08 -3.20 28.30
CA ASN C 27 21.55 -3.54 29.66
C ASN C 27 21.79 -2.30 30.57
N THR C 28 21.09 -1.18 30.31
CA THR C 28 21.17 0.04 31.14
C THR C 28 20.26 -0.14 32.35
N THR C 29 20.39 0.73 33.36
CA THR C 29 19.59 0.65 34.57
C THR C 29 18.11 0.63 34.26
N ILE C 30 17.38 -0.29 34.93
CA ILE C 30 15.92 -0.48 34.84
C ILE C 30 15.23 0.89 35.06
N PRO C 31 15.53 1.68 36.13
CA PRO C 31 14.92 3.02 36.23
C PRO C 31 15.85 4.09 35.62
N THR C 32 15.48 4.64 34.44
CA THR C 32 16.33 5.64 33.77
C THR C 32 15.52 6.62 32.93
N LYS C 33 16.16 7.70 32.45
CA LYS C 33 15.50 8.71 31.63
C LYS C 33 16.52 9.43 30.79
N LYS C 34 16.30 9.47 29.47
CA LYS C 34 17.23 10.14 28.54
C LYS C 34 16.52 10.96 27.46
N ASN C 35 17.21 12.01 26.96
CA ASN C 35 16.67 12.91 25.95
C ASN C 35 17.68 13.31 24.88
N GLN C 36 17.17 13.71 23.71
CA GLN C 36 17.96 14.19 22.57
C GLN C 36 17.14 15.17 21.75
N ILE C 37 17.82 16.14 21.11
CA ILE C 37 17.20 17.15 20.28
C ILE C 37 17.33 16.80 18.80
N PHE C 38 16.21 16.93 18.07
CA PHE C 38 16.08 16.63 16.64
C PHE C 38 15.44 17.81 15.90
N THR C 39 15.58 17.85 14.56
CA THR C 39 15.03 18.91 13.71
C THR C 39 14.18 18.36 12.58
N THR C 40 13.66 19.25 11.72
CA THR C 40 12.80 18.86 10.61
C THR C 40 13.65 18.43 9.41
N TYR C 41 13.15 17.46 8.64
CA TYR C 41 13.81 16.93 7.46
C TYR C 41 13.62 17.85 6.26
N ALA C 42 12.42 18.44 6.12
CA ALA C 42 12.07 19.34 5.02
C ALA C 42 11.55 20.71 5.47
N ASP C 43 11.61 21.69 4.57
CA ASP C 43 11.15 23.05 4.82
C ASP C 43 9.65 23.09 5.05
N ASN C 44 9.19 23.98 5.95
CA ASN C 44 7.79 24.19 6.32
C ASN C 44 7.08 22.89 6.71
N GLN C 45 7.82 22.01 7.40
CA GLN C 45 7.33 20.72 7.85
C GLN C 45 6.37 21.01 9.01
N PRO C 46 5.08 20.63 8.84
CA PRO C 46 4.09 20.94 9.89
C PRO C 46 4.19 20.07 11.14
N GLY C 47 4.78 18.89 11.01
CA GLY C 47 4.91 17.94 12.10
C GLY C 47 5.99 16.90 11.91
N VAL C 48 6.32 16.16 12.99
CA VAL C 48 7.32 15.09 12.95
C VAL C 48 6.72 13.77 13.39
N LEU C 49 7.06 12.69 12.68
CA LEU C 49 6.57 11.36 13.03
C LEU C 49 7.59 10.61 13.89
N ILE C 50 7.21 10.37 15.16
CA ILE C 50 8.02 9.67 16.14
C ILE C 50 7.71 8.18 16.04
N GLN C 51 8.67 7.43 15.51
CA GLN C 51 8.57 6.00 15.31
C GLN C 51 9.49 5.30 16.33
N VAL C 52 8.90 4.70 17.39
CA VAL C 52 9.64 4.02 18.49
C VAL C 52 10.02 2.58 18.13
N TYR C 53 11.32 2.29 18.07
CA TYR C 53 11.83 0.96 17.75
C TYR C 53 12.65 0.33 18.88
N GLU C 54 12.67 -1.01 18.91
CA GLU C 54 13.40 -1.84 19.87
C GLU C 54 14.25 -2.84 19.07
N GLY C 55 15.52 -2.93 19.40
CA GLY C 55 16.46 -3.83 18.71
C GLY C 55 17.89 -3.36 18.69
N GLU C 56 18.77 -4.17 18.09
CA GLU C 56 20.22 -3.90 18.04
C GLU C 56 20.74 -3.63 16.64
N ARG C 57 19.89 -3.76 15.63
CA ARG C 57 20.30 -3.55 14.25
C ARG C 57 20.33 -2.05 13.91
N ALA C 58 21.29 -1.66 13.06
CA ALA C 58 21.54 -0.28 12.63
C ALA C 58 20.36 0.35 11.86
N MET C 59 19.55 -0.49 11.18
CA MET C 59 18.40 -0.04 10.39
C MET C 59 17.10 -0.38 11.10
N THR C 60 16.10 0.53 11.01
CA THR C 60 14.78 0.40 11.64
C THR C 60 13.97 -0.78 11.13
N LYS C 61 14.03 -1.06 9.80
CA LYS C 61 13.33 -2.18 9.16
C LYS C 61 13.67 -3.52 9.82
N ASP C 62 14.91 -3.65 10.33
CA ASP C 62 15.45 -4.83 11.00
C ASP C 62 15.25 -4.80 12.54
N ASN C 63 14.30 -3.98 13.01
CA ASN C 63 13.98 -3.83 14.43
C ASN C 63 12.48 -3.93 14.66
N ASN C 64 12.07 -4.18 15.91
CA ASN C 64 10.65 -4.30 16.21
C ASN C 64 10.08 -2.98 16.64
N LEU C 65 9.06 -2.56 15.91
CA LEU C 65 8.36 -1.32 16.18
C LEU C 65 7.44 -1.47 17.39
N LEU C 66 7.69 -0.67 18.42
CA LEU C 66 6.90 -0.70 19.64
C LEU C 66 5.64 0.14 19.56
N GLY C 67 5.75 1.31 18.93
CA GLY C 67 4.67 2.27 18.77
C GLY C 67 5.10 3.51 18.04
N LYS C 68 4.13 4.24 17.47
CA LYS C 68 4.39 5.46 16.69
C LYS C 68 3.34 6.53 16.97
N PHE C 69 3.76 7.80 17.00
CA PHE C 69 2.87 8.95 17.17
C PHE C 69 3.38 10.14 16.41
N GLN C 70 2.55 11.18 16.31
CA GLN C 70 2.94 12.36 15.59
C GLN C 70 2.77 13.63 16.40
N LEU C 71 3.74 14.53 16.28
CA LEU C 71 3.71 15.85 16.92
C LEU C 71 3.46 16.87 15.81
N GLU C 72 2.30 17.54 15.86
CA GLU C 72 1.86 18.54 14.90
C GLU C 72 1.91 19.95 15.49
N GLY C 73 1.66 20.93 14.65
CA GLY C 73 1.66 22.32 15.04
C GLY C 73 2.99 23.00 14.93
N ILE C 74 3.96 22.37 14.26
CA ILE C 74 5.29 22.95 14.06
C ILE C 74 5.15 24.17 13.15
N PRO C 75 5.66 25.34 13.58
CA PRO C 75 5.53 26.54 12.75
C PRO C 75 6.32 26.43 11.45
N PRO C 76 5.84 26.97 10.31
CA PRO C 76 6.61 26.83 9.06
C PRO C 76 7.98 27.45 9.21
N ALA C 77 9.03 26.70 8.87
CA ALA C 77 10.40 27.15 9.05
C ALA C 77 11.38 26.33 8.17
N PRO C 78 12.66 26.80 7.98
CA PRO C 78 13.63 26.01 7.20
C PRO C 78 13.92 24.62 7.76
N ARG C 79 14.58 23.76 6.97
CA ARG C 79 14.83 22.36 7.33
C ARG C 79 15.49 22.16 8.69
N SER C 80 16.56 22.86 8.97
CA SER C 80 17.25 22.55 10.22
C SER C 80 16.91 23.45 11.41
N VAL C 81 16.09 24.51 11.20
CA VAL C 81 15.75 25.50 12.23
C VAL C 81 14.93 24.91 13.44
N PRO C 82 13.81 24.16 13.27
CA PRO C 82 13.04 23.69 14.44
C PRO C 82 13.79 22.80 15.43
N GLN C 83 13.49 22.92 16.72
CA GLN C 83 14.13 22.16 17.79
C GLN C 83 13.11 21.33 18.52
N ILE C 84 13.26 19.99 18.46
CA ILE C 84 12.34 19.06 19.10
C ILE C 84 13.09 18.17 20.09
N GLU C 85 12.66 18.18 21.37
CA GLU C 85 13.26 17.37 22.41
C GLU C 85 12.44 16.10 22.62
N VAL C 86 13.07 14.95 22.36
CA VAL C 86 12.46 13.65 22.51
C VAL C 86 13.00 13.01 23.78
N THR C 87 12.12 12.69 24.74
CA THR C 87 12.52 12.07 25.99
C THR C 87 11.92 10.67 26.13
N PHE C 88 12.80 9.64 26.23
CA PHE C 88 12.44 8.25 26.48
C PHE C 88 12.60 8.08 27.98
N ASP C 89 11.52 7.70 28.65
CA ASP C 89 11.47 7.57 30.11
C ASP C 89 11.01 6.21 30.61
N ILE C 90 11.89 5.51 31.36
CA ILE C 90 11.57 4.23 32.00
C ILE C 90 11.47 4.49 33.51
N ASP C 91 10.36 4.09 34.12
CA ASP C 91 10.19 4.22 35.56
C ASP C 91 10.82 2.98 36.21
N ALA C 92 10.73 2.83 37.54
CA ALA C 92 11.24 1.64 38.22
C ALA C 92 10.43 0.40 37.83
N ASN C 93 9.15 0.60 37.44
CA ASN C 93 8.21 -0.43 37.03
C ASN C 93 8.54 -1.06 35.67
N GLY C 94 9.33 -0.37 34.85
CA GLY C 94 9.74 -0.84 33.53
C GLY C 94 8.92 -0.23 32.40
N ILE C 95 7.86 0.50 32.80
CA ILE C 95 6.96 1.21 31.89
C ILE C 95 7.78 2.32 31.22
N LEU C 96 7.77 2.36 29.87
CA LEU C 96 8.53 3.33 29.10
C LEU C 96 7.65 4.29 28.32
N ASN C 97 7.65 5.55 28.78
CA ASN C 97 6.92 6.67 28.22
C ASN C 97 7.83 7.52 27.31
N VAL C 98 7.36 7.82 26.08
CA VAL C 98 8.07 8.62 25.07
C VAL C 98 7.31 9.92 24.85
N THR C 99 7.99 11.06 25.04
CA THR C 99 7.38 12.38 24.88
C THR C 99 8.21 13.23 23.90
N ALA C 100 7.54 13.84 22.92
CA ALA C 100 8.17 14.72 21.96
C ALA C 100 7.66 16.14 22.26
N LEU C 101 8.58 17.09 22.48
CA LEU C 101 8.23 18.46 22.82
C LEU C 101 8.88 19.47 21.90
N ASP C 102 8.08 20.41 21.37
CA ASP C 102 8.57 21.49 20.53
C ASP C 102 9.09 22.55 21.48
N LYS C 103 10.38 22.88 21.36
CA LYS C 103 11.04 23.87 22.21
C LYS C 103 10.45 25.28 22.06
N GLY C 104 10.19 25.68 20.82
CA GLY C 104 9.63 26.98 20.49
C GLY C 104 8.19 27.15 20.92
N THR C 105 7.27 26.34 20.36
CA THR C 105 5.84 26.41 20.67
C THR C 105 5.52 25.93 22.08
N GLY C 106 6.21 24.90 22.55
CA GLY C 106 5.91 24.34 23.87
C GLY C 106 4.85 23.26 23.76
N LYS C 107 4.39 22.97 22.53
CA LYS C 107 3.41 21.92 22.26
C LYS C 107 4.11 20.59 22.38
N GLN C 108 3.43 19.62 22.99
CA GLN C 108 3.99 18.28 23.18
C GLN C 108 2.98 17.18 22.94
N ASN C 109 3.49 15.99 22.69
CA ASN C 109 2.70 14.78 22.50
C ASN C 109 3.47 13.61 23.10
N GLN C 110 2.73 12.65 23.63
CA GLN C 110 3.31 11.50 24.30
C GLN C 110 2.51 10.21 24.13
N ILE C 111 3.21 9.08 24.20
CA ILE C 111 2.63 7.73 24.17
C ILE C 111 3.33 6.91 25.23
N THR C 112 2.64 5.89 25.76
CA THR C 112 3.27 5.05 26.78
C THR C 112 3.27 3.60 26.36
N ILE C 113 4.44 2.95 26.42
CA ILE C 113 4.65 1.54 26.12
C ILE C 113 5.11 0.85 27.39
N THR C 114 4.42 -0.24 27.74
CA THR C 114 4.70 -1.10 28.90
C THR C 114 6.18 -1.48 28.96
N ARG C 119 6.66 -10.80 28.30
CA ARG C 119 6.45 -10.77 26.86
C ARG C 119 7.63 -11.38 26.13
N LEU C 120 8.77 -10.67 26.09
CA LEU C 120 9.99 -11.12 25.43
C LEU C 120 10.75 -12.10 26.33
N SER C 121 11.24 -13.23 25.73
CA SER C 121 11.97 -14.34 26.38
C SER C 121 13.47 -14.14 26.30
N LYS C 122 14.22 -14.59 27.34
CA LYS C 122 15.68 -14.45 27.46
C LYS C 122 16.41 -14.98 26.24
N ASP C 123 16.02 -16.19 25.80
CA ASP C 123 16.60 -16.86 24.64
C ASP C 123 16.27 -16.07 23.40
N ASP C 124 15.00 -15.61 23.28
CA ASP C 124 14.55 -14.82 22.14
C ASP C 124 15.41 -13.55 22.01
N ILE C 125 15.61 -12.84 23.13
CA ILE C 125 16.44 -11.63 23.22
C ILE C 125 17.86 -11.99 22.78
N ASP C 126 18.42 -13.08 23.33
CA ASP C 126 19.76 -13.57 23.01
C ASP C 126 19.91 -13.82 21.52
N ARG C 127 18.88 -14.43 20.90
CA ARG C 127 18.83 -14.73 19.47
C ARG C 127 18.86 -13.45 18.66
N MET C 128 18.06 -12.44 19.08
CA MET C 128 17.98 -11.13 18.45
C MET C 128 19.36 -10.42 18.52
N VAL C 129 20.02 -10.47 19.71
CA VAL C 129 21.35 -9.88 19.95
C VAL C 129 22.39 -10.57 19.06
N ASN C 130 22.38 -11.91 19.03
CA ASN C 130 23.29 -12.71 18.21
C ASN C 130 23.10 -12.46 16.72
N ASP C 131 21.84 -12.25 16.28
CA ASP C 131 21.46 -11.94 14.90
C ASP C 131 22.14 -10.64 14.52
N ALA C 132 21.93 -9.60 15.31
CA ALA C 132 22.53 -8.29 15.07
C ALA C 132 24.05 -8.33 15.32
N GLU C 133 24.60 -9.46 15.85
CA GLU C 133 26.03 -9.60 16.13
C GLU C 133 26.86 -9.73 14.85
N LYS C 134 26.42 -10.59 13.92
CA LYS C 134 27.09 -10.79 12.64
C LYS C 134 26.55 -9.83 11.63
N TYR C 135 25.21 -9.73 11.54
CA TYR C 135 24.53 -8.81 10.64
C TYR C 135 24.93 -7.35 10.91
N LYS C 136 25.50 -7.06 12.11
CA LYS C 136 26.02 -5.76 12.54
C LYS C 136 27.08 -5.29 11.55
N GLU C 137 28.01 -6.20 11.22
CA GLU C 137 29.09 -5.94 10.28
C GLU C 137 28.55 -5.70 8.86
N GLU C 138 27.54 -6.48 8.45
CA GLU C 138 26.90 -6.37 7.13
C GLU C 138 26.14 -5.05 6.98
N ASP C 139 25.45 -4.61 8.05
CA ASP C 139 24.65 -3.40 8.26
C ASP C 139 25.49 -2.15 8.12
N GLU C 140 26.78 -2.21 8.50
CA GLU C 140 27.71 -1.10 8.38
C GLU C 140 27.74 -0.55 6.95
N GLN C 141 27.76 -1.44 5.96
CA GLN C 141 27.72 -1.10 4.53
C GLN C 141 26.43 -0.36 4.21
N ASN C 142 25.28 -0.84 4.73
CA ASN C 142 23.98 -0.19 4.53
C ASN C 142 23.96 1.18 5.19
N LYS C 143 24.48 1.30 6.43
CA LYS C 143 24.57 2.53 7.19
C LYS C 143 25.39 3.58 6.42
N ASN C 144 26.56 3.19 5.91
CA ASN C 144 27.45 4.06 5.13
C ASN C 144 26.78 4.54 3.86
N ARG C 145 26.02 3.66 3.18
CA ARG C 145 25.25 3.97 1.98
C ARG C 145 24.19 5.00 2.29
N ILE C 146 23.48 4.86 3.44
CA ILE C 146 22.44 5.79 3.92
C ILE C 146 23.06 7.15 4.20
N GLU C 147 24.21 7.19 4.91
CA GLU C 147 24.93 8.42 5.23
C GLU C 147 25.27 9.19 3.95
N ALA C 148 25.77 8.49 2.91
CA ALA C 148 26.14 9.07 1.59
C ALA C 148 24.91 9.65 0.88
N ARG C 149 23.75 8.96 1.00
CA ARG C 149 22.48 9.41 0.42
C ARG C 149 22.08 10.70 1.08
N ASN C 150 22.04 10.71 2.45
CA ASN C 150 21.71 11.87 3.28
C ASN C 150 22.63 13.07 2.98
N ASN C 151 23.94 12.84 2.84
CA ASN C 151 24.93 13.86 2.52
C ASN C 151 24.69 14.46 1.14
N LEU C 152 24.31 13.61 0.15
CA LEU C 152 24.01 14.07 -1.20
C LEU C 152 22.70 14.87 -1.21
N GLU C 153 21.68 14.41 -0.45
CA GLU C 153 20.38 15.07 -0.28
C GLU C 153 20.58 16.46 0.27
N ASN C 154 21.38 16.56 1.35
CA ASN C 154 21.73 17.78 2.05
C ASN C 154 22.49 18.71 1.12
N TYR C 155 23.49 18.18 0.38
CA TYR C 155 24.30 18.94 -0.57
C TYR C 155 23.44 19.62 -1.63
N CYS C 156 22.44 18.88 -2.18
CA CYS C 156 21.50 19.37 -3.19
C CYS C 156 20.66 20.52 -2.64
N TYR C 157 20.17 20.40 -1.38
CA TYR C 157 19.36 21.41 -0.69
C TYR C 157 20.17 22.66 -0.44
N ASN C 158 21.39 22.51 0.10
CA ASN C 158 22.28 23.63 0.40
C ASN C 158 22.71 24.40 -0.84
N VAL C 159 23.17 23.67 -1.90
CA VAL C 159 23.60 24.23 -3.19
C VAL C 159 22.45 25.04 -3.83
N LYS C 160 21.22 24.48 -3.88
CA LYS C 160 20.00 25.11 -4.40
C LYS C 160 19.69 26.35 -3.58
N ASN C 161 19.67 26.24 -2.22
CA ASN C 161 19.42 27.36 -1.32
C ASN C 161 20.41 28.49 -1.57
N THR C 162 21.72 28.19 -1.72
CA THR C 162 22.73 29.25 -1.96
C THR C 162 22.51 30.00 -3.27
N LEU C 163 22.19 29.25 -4.33
CA LEU C 163 21.91 29.81 -5.64
C LEU C 163 20.64 30.64 -5.62
N GLN C 164 19.59 30.17 -4.92
CA GLN C 164 18.31 30.88 -4.79
C GLN C 164 18.40 32.05 -3.80
N ASP C 165 19.41 32.03 -2.90
CA ASP C 165 19.63 33.13 -1.97
C ASP C 165 20.47 34.21 -2.68
N GLU C 166 19.98 34.60 -3.86
CA GLU C 166 20.60 35.59 -4.73
C GLU C 166 20.59 37.00 -4.21
N ASN C 167 19.93 37.28 -3.05
CA ASN C 167 19.89 38.64 -2.50
C ASN C 167 21.31 39.11 -2.19
N LEU C 168 22.09 38.17 -1.65
CA LEU C 168 23.48 38.39 -1.32
C LEU C 168 24.35 37.63 -2.35
N LYS C 169 23.74 36.75 -3.15
CA LYS C 169 24.41 35.96 -4.17
C LYS C 169 24.17 36.49 -5.59
N THR C 170 23.91 37.81 -5.71
CA THR C 170 23.69 38.52 -6.99
C THR C 170 24.95 38.41 -7.85
N LYS C 171 26.13 38.34 -7.20
CA LYS C 171 27.47 38.25 -7.78
C LYS C 171 27.60 37.13 -8.80
N ILE C 172 26.84 36.05 -8.60
CA ILE C 172 26.83 34.89 -9.49
C ILE C 172 26.23 35.24 -10.88
N PRO C 173 26.99 34.99 -11.97
CA PRO C 173 26.43 35.23 -13.31
C PRO C 173 25.23 34.31 -13.61
N LYS C 174 24.20 34.89 -14.26
CA LYS C 174 22.93 34.22 -14.61
C LYS C 174 23.11 32.92 -15.37
N ASP C 175 24.04 32.90 -16.34
CA ASP C 175 24.34 31.74 -17.18
C ASP C 175 24.89 30.56 -16.37
N ASP C 176 25.86 30.82 -15.48
CA ASP C 176 26.48 29.82 -14.61
C ASP C 176 25.49 29.28 -13.58
N SER C 177 24.61 30.16 -13.04
CA SER C 177 23.58 29.79 -12.06
C SER C 177 22.60 28.81 -12.67
N GLU C 178 22.13 29.11 -13.90
CA GLU C 178 21.19 28.28 -14.66
C GLU C 178 21.73 26.91 -14.93
N LYS C 179 22.98 26.83 -15.44
CA LYS C 179 23.69 25.58 -15.76
C LYS C 179 23.83 24.71 -14.50
N CYS C 180 24.22 25.32 -13.37
CA CYS C 180 24.38 24.65 -12.08
C CYS C 180 23.05 24.14 -11.57
N MET C 181 21.99 25.00 -11.60
CA MET C 181 20.63 24.67 -11.14
C MET C 181 20.08 23.43 -11.82
N LYS C 182 20.33 23.30 -13.15
CA LYS C 182 19.94 22.17 -13.99
C LYS C 182 20.62 20.88 -13.53
N THR C 183 21.94 20.97 -13.17
CA THR C 183 22.75 19.86 -12.68
C THR C 183 22.18 19.33 -11.37
N VAL C 184 21.82 20.23 -10.44
CA VAL C 184 21.23 19.88 -9.15
C VAL C 184 19.88 19.20 -9.37
N LYS C 185 19.03 19.78 -10.26
CA LYS C 185 17.70 19.28 -10.64
C LYS C 185 17.78 17.84 -11.18
N SER C 186 18.79 17.56 -12.03
CA SER C 186 19.02 16.23 -12.63
C SER C 186 19.39 15.17 -11.57
N VAL C 187 20.12 15.58 -10.52
CA VAL C 187 20.51 14.69 -9.43
C VAL C 187 19.29 14.43 -8.53
N LEU C 188 18.43 15.45 -8.32
CA LEU C 188 17.20 15.32 -7.52
C LEU C 188 16.23 14.31 -8.14
N ASP C 189 16.12 14.32 -9.49
CA ASP C 189 15.30 13.38 -10.27
C ASP C 189 15.89 11.97 -10.17
N TRP C 190 17.24 11.86 -10.23
CA TRP C 190 18.00 10.61 -10.11
C TRP C 190 17.97 10.06 -8.68
N LEU C 191 17.66 10.92 -7.69
CA LEU C 191 17.53 10.53 -6.29
C LEU C 191 16.13 9.98 -6.01
N GLU C 192 15.09 10.51 -6.71
CA GLU C 192 13.70 10.05 -6.59
C GLU C 192 13.60 8.65 -7.22
N LYS C 193 14.10 8.50 -8.47
CA LYS C 193 14.19 7.23 -9.21
C LYS C 193 15.49 6.58 -8.72
N ASN C 194 15.58 5.24 -8.55
CA ASN C 194 16.78 4.56 -8.01
C ASN C 194 17.19 5.11 -6.61
N GLN C 195 16.23 5.15 -5.65
CA GLN C 195 16.38 5.60 -4.24
C GLN C 195 17.43 4.82 -3.50
N THR C 196 17.56 3.53 -3.85
CA THR C 196 18.59 2.69 -3.25
C THR C 196 19.71 2.50 -4.26
N ALA C 197 20.88 3.07 -3.94
CA ALA C 197 22.04 3.04 -4.81
C ALA C 197 23.30 2.83 -4.00
N GLU C 198 24.35 2.36 -4.65
CA GLU C 198 25.65 2.12 -4.02
C GLU C 198 26.38 3.42 -3.73
N THR C 199 27.15 3.47 -2.63
CA THR C 199 27.89 4.66 -2.17
C THR C 199 28.58 5.42 -3.30
N GLU C 200 29.39 4.71 -4.08
CA GLU C 200 30.14 5.25 -5.20
C GLU C 200 29.26 6.04 -6.16
N GLU C 201 28.02 5.55 -6.44
CA GLU C 201 27.05 6.20 -7.32
C GLU C 201 26.68 7.56 -6.77
N TYR C 202 26.46 7.66 -5.44
CA TYR C 202 26.11 8.91 -4.77
C TYR C 202 27.26 9.90 -4.88
N ASN C 203 28.50 9.43 -4.59
CA ASN C 203 29.71 10.24 -4.68
C ASN C 203 29.99 10.73 -6.10
N GLU C 204 29.65 9.91 -7.11
CA GLU C 204 29.79 10.23 -8.53
C GLU C 204 28.85 11.38 -8.89
N LYS C 205 27.61 11.34 -8.36
CA LYS C 205 26.58 12.36 -8.57
C LYS C 205 26.92 13.65 -7.82
N GLU C 206 27.60 13.53 -6.67
CA GLU C 206 28.02 14.63 -5.84
C GLU C 206 29.09 15.43 -6.59
N LYS C 207 30.07 14.73 -7.19
CA LYS C 207 31.14 15.34 -7.97
C LYS C 207 30.62 16.03 -9.24
N ASP C 208 29.44 15.61 -9.75
CA ASP C 208 28.82 16.20 -10.93
C ASP C 208 28.37 17.62 -10.65
N ILE C 209 27.74 17.87 -9.48
CA ILE C 209 27.31 19.20 -9.05
C ILE C 209 28.56 19.95 -8.65
N SER C 210 29.43 19.29 -7.85
CA SER C 210 30.69 19.81 -7.35
C SER C 210 31.53 20.45 -8.46
N SER C 211 31.79 19.71 -9.57
CA SER C 211 32.56 20.15 -10.73
C SER C 211 32.10 21.49 -11.33
N VAL C 212 30.78 21.77 -11.27
CA VAL C 212 30.15 22.98 -11.80
C VAL C 212 30.00 24.06 -10.70
N TYR C 213 29.63 23.66 -9.48
CA TYR C 213 29.39 24.53 -8.33
C TYR C 213 30.65 25.17 -7.74
N ASN C 214 31.72 24.38 -7.51
CA ASN C 214 32.98 24.86 -6.96
C ASN C 214 33.53 26.08 -7.71
N PRO C 215 33.64 26.09 -9.07
CA PRO C 215 34.10 27.31 -9.77
C PRO C 215 33.29 28.58 -9.47
N ILE C 216 31.96 28.46 -9.25
CA ILE C 216 31.06 29.57 -8.92
C ILE C 216 31.46 30.15 -7.57
N MET C 217 31.75 29.27 -6.61
CA MET C 217 32.15 29.62 -5.26
C MET C 217 33.51 30.26 -5.20
N THR C 218 34.50 29.69 -5.91
CA THR C 218 35.87 30.21 -5.96
C THR C 218 35.85 31.64 -6.47
N LYS C 219 35.08 31.91 -7.55
CA LYS C 219 34.91 33.23 -8.17
C LYS C 219 34.38 34.29 -7.19
N ILE C 220 33.44 33.88 -6.31
CA ILE C 220 32.85 34.76 -5.29
C ILE C 220 33.92 35.23 -4.30
N TYR C 221 34.74 34.28 -3.80
CA TYR C 221 35.80 34.52 -2.83
C TYR C 221 37.15 34.95 -3.43
N GLN C 222 37.26 35.06 -4.77
CA GLN C 222 38.49 35.53 -5.43
C GLN C 222 38.52 37.04 -5.44
N GLY D 12 -13.80 -6.58 18.70
CA GLY D 12 -14.16 -7.41 17.56
C GLY D 12 -15.43 -8.23 17.76
N LEU D 13 -15.64 -9.22 16.90
CA LEU D 13 -16.80 -10.12 16.97
C LEU D 13 -16.44 -11.59 16.81
N GLU D 14 -17.38 -12.49 17.17
CA GLU D 14 -17.18 -13.93 17.05
C GLU D 14 -17.42 -14.42 15.62
N THR D 15 -16.47 -15.18 15.08
CA THR D 15 -16.57 -15.81 13.78
C THR D 15 -16.62 -17.34 13.98
N ALA D 16 -16.81 -18.10 12.90
CA ALA D 16 -16.88 -19.57 12.92
C ALA D 16 -15.75 -20.25 13.69
N GLY D 17 -16.14 -21.04 14.67
CA GLY D 17 -15.23 -21.75 15.56
C GLY D 17 -14.88 -21.01 16.83
N GLY D 18 -15.78 -20.10 17.25
CA GLY D 18 -15.63 -19.25 18.43
C GLY D 18 -14.35 -18.43 18.42
N VAL D 19 -14.00 -17.86 17.26
CA VAL D 19 -12.77 -17.09 17.04
C VAL D 19 -12.99 -15.59 17.18
N MET D 20 -12.08 -14.91 17.91
CA MET D 20 -12.15 -13.46 18.10
C MET D 20 -11.51 -12.78 16.90
N THR D 21 -12.34 -12.13 16.10
CA THR D 21 -11.95 -11.40 14.91
C THR D 21 -12.02 -9.93 15.25
N LYS D 22 -10.84 -9.33 15.48
CA LYS D 22 -10.68 -7.93 15.86
C LYS D 22 -10.95 -7.00 14.71
N LEU D 23 -11.70 -5.93 14.98
CA LEU D 23 -12.05 -4.95 13.98
C LEU D 23 -11.45 -3.58 14.25
N ILE D 30 -8.29 5.59 20.17
CA ILE D 30 -9.25 6.65 20.55
C ILE D 30 -10.41 6.72 19.47
N PRO D 31 -10.64 7.85 18.74
CA PRO D 31 -11.74 7.88 17.76
C PRO D 31 -11.30 7.17 16.49
N THR D 32 -12.11 6.19 16.08
CA THR D 32 -11.88 5.36 14.90
C THR D 32 -13.19 4.65 14.49
N LYS D 33 -13.32 4.44 13.18
CA LYS D 33 -14.43 3.74 12.54
C LYS D 33 -13.81 2.69 11.60
N LYS D 34 -14.37 1.48 11.57
CA LYS D 34 -13.82 0.38 10.75
C LYS D 34 -14.92 -0.56 10.25
N ASN D 35 -14.63 -1.31 9.17
CA ASN D 35 -15.56 -2.29 8.61
C ASN D 35 -14.86 -3.57 8.14
N GLN D 36 -15.63 -4.65 8.03
CA GLN D 36 -15.16 -5.96 7.55
C GLN D 36 -16.33 -6.71 6.90
N ILE D 37 -16.02 -7.52 5.88
CA ILE D 37 -17.02 -8.31 5.18
C ILE D 37 -16.96 -9.75 5.63
N PHE D 38 -18.15 -10.33 5.88
CA PHE D 38 -18.34 -11.70 6.34
C PHE D 38 -19.37 -12.41 5.47
N THR D 39 -19.38 -13.75 5.52
CA THR D 39 -20.32 -14.58 4.77
C THR D 39 -21.03 -15.57 5.69
N THR D 40 -21.85 -16.45 5.12
CA THR D 40 -22.61 -17.45 5.86
C THR D 40 -21.80 -18.71 6.11
N TYR D 41 -21.92 -19.28 7.31
CA TYR D 41 -21.22 -20.51 7.65
C TYR D 41 -21.87 -21.69 6.90
N ALA D 42 -23.21 -21.72 6.86
CA ALA D 42 -23.95 -22.81 6.22
C ALA D 42 -24.88 -22.38 5.11
N ASP D 43 -25.25 -23.33 4.23
CA ASP D 43 -26.14 -23.12 3.10
C ASP D 43 -27.55 -22.75 3.57
N ASN D 44 -28.22 -21.84 2.85
CA ASN D 44 -29.57 -21.35 3.12
C ASN D 44 -29.75 -20.88 4.56
N GLN D 45 -28.73 -20.20 5.08
CA GLN D 45 -28.71 -19.64 6.42
C GLN D 45 -29.67 -18.45 6.44
N PRO D 46 -30.73 -18.52 7.26
CA PRO D 46 -31.74 -17.43 7.26
C PRO D 46 -31.33 -16.17 8.00
N GLY D 47 -30.37 -16.30 8.92
CA GLY D 47 -29.88 -15.20 9.73
C GLY D 47 -28.47 -15.38 10.27
N VAL D 48 -27.84 -14.28 10.69
CA VAL D 48 -26.47 -14.27 11.25
C VAL D 48 -26.49 -13.65 12.62
N LEU D 49 -25.90 -14.33 13.61
CA LEU D 49 -25.85 -13.78 14.94
C LEU D 49 -24.51 -13.10 15.16
N ILE D 50 -24.58 -11.81 15.49
CA ILE D 50 -23.42 -10.99 15.76
C ILE D 50 -23.25 -10.97 17.25
N GLN D 51 -22.07 -11.37 17.68
CA GLN D 51 -21.71 -11.48 19.09
C GLN D 51 -20.49 -10.61 19.32
N VAL D 52 -20.58 -9.65 20.24
CA VAL D 52 -19.48 -8.72 20.48
C VAL D 52 -18.68 -9.08 21.73
N TYR D 53 -17.43 -9.50 21.54
CA TYR D 53 -16.50 -9.85 22.62
C TYR D 53 -15.35 -8.86 22.56
N GLU D 54 -14.95 -8.34 23.74
CA GLU D 54 -13.87 -7.37 23.80
C GLU D 54 -12.82 -7.76 24.82
N GLY D 55 -11.57 -7.66 24.40
CA GLY D 55 -10.43 -7.98 25.25
C GLY D 55 -9.17 -8.24 24.49
N GLU D 56 -8.08 -8.22 25.24
CA GLU D 56 -6.71 -8.42 24.79
C GLU D 56 -6.44 -9.82 24.28
N ARG D 57 -6.99 -10.83 24.98
CA ARG D 57 -6.87 -12.24 24.61
C ARG D 57 -7.58 -12.44 23.28
N ALA D 58 -6.91 -13.18 22.37
CA ALA D 58 -7.43 -13.46 21.04
C ALA D 58 -8.70 -14.29 21.03
N MET D 59 -8.95 -15.11 22.07
CA MET D 59 -10.15 -15.93 22.10
C MET D 59 -11.42 -15.18 22.47
N THR D 60 -12.54 -15.47 21.75
CA THR D 60 -13.85 -14.85 22.00
C THR D 60 -14.33 -15.22 23.36
N LYS D 61 -14.26 -16.53 23.70
CA LYS D 61 -14.73 -17.09 24.96
C LYS D 61 -14.15 -16.39 26.20
N ASP D 62 -12.85 -16.04 26.15
CA ASP D 62 -12.12 -15.38 27.23
C ASP D 62 -12.57 -13.95 27.43
N ASN D 63 -12.89 -13.29 26.32
CA ASN D 63 -13.36 -11.91 26.31
C ASN D 63 -14.82 -11.80 26.69
N ASN D 64 -15.14 -10.73 27.43
CA ASN D 64 -16.48 -10.47 27.91
C ASN D 64 -17.38 -10.04 26.79
N LEU D 65 -18.53 -10.70 26.74
CA LEU D 65 -19.55 -10.41 25.78
C LEU D 65 -20.30 -9.12 26.16
N LEU D 66 -20.24 -8.11 25.28
CA LEU D 66 -20.90 -6.83 25.52
C LEU D 66 -22.34 -6.81 25.07
N GLY D 67 -22.63 -7.52 23.99
CA GLY D 67 -23.97 -7.59 23.42
C GLY D 67 -24.05 -8.49 22.22
N LYS D 68 -25.25 -9.01 21.96
CA LYS D 68 -25.54 -9.92 20.86
C LYS D 68 -26.81 -9.54 20.17
N PHE D 69 -26.73 -9.50 18.85
CA PHE D 69 -27.85 -9.18 18.00
C PHE D 69 -27.79 -10.03 16.77
N GLN D 70 -28.95 -10.43 16.26
CA GLN D 70 -28.99 -11.28 15.11
C GLN D 70 -29.73 -10.66 13.94
N LEU D 71 -29.12 -10.70 12.75
CA LEU D 71 -29.78 -10.22 11.55
C LEU D 71 -30.64 -11.37 11.04
N GLU D 72 -31.85 -11.05 10.56
CA GLU D 72 -32.75 -12.08 10.01
C GLU D 72 -33.25 -11.63 8.63
N GLY D 73 -33.87 -12.56 7.91
CA GLY D 73 -34.39 -12.28 6.56
C GLY D 73 -33.35 -12.40 5.45
N ILE D 74 -32.23 -13.10 5.75
CA ILE D 74 -31.17 -13.35 4.77
C ILE D 74 -31.74 -14.29 3.72
N PRO D 75 -31.59 -13.94 2.42
CA PRO D 75 -32.10 -14.81 1.36
C PRO D 75 -31.38 -16.16 1.29
N PRO D 76 -32.10 -17.27 0.99
CA PRO D 76 -31.42 -18.59 0.93
C PRO D 76 -30.33 -18.56 -0.12
N ALA D 77 -29.12 -18.99 0.23
CA ALA D 77 -27.97 -18.97 -0.68
C ALA D 77 -26.85 -19.94 -0.24
N PRO D 78 -25.89 -20.30 -1.13
CA PRO D 78 -24.78 -21.17 -0.72
C PRO D 78 -23.92 -20.60 0.42
N ARG D 79 -23.05 -21.46 0.98
CA ARG D 79 -22.21 -21.20 2.14
C ARG D 79 -21.38 -19.93 2.07
N SER D 80 -20.68 -19.67 0.97
CA SER D 80 -19.83 -18.49 0.93
C SER D 80 -20.36 -17.32 0.10
N VAL D 81 -21.55 -17.46 -0.52
CA VAL D 81 -22.13 -16.46 -1.42
C VAL D 81 -22.55 -15.13 -0.73
N PRO D 82 -23.42 -15.07 0.34
CA PRO D 82 -23.83 -13.76 0.87
C PRO D 82 -22.70 -12.87 1.37
N GLN D 83 -22.86 -11.57 1.20
CA GLN D 83 -21.87 -10.57 1.61
C GLN D 83 -22.49 -9.68 2.67
N ILE D 84 -21.90 -9.71 3.87
CA ILE D 84 -22.37 -8.92 5.00
C ILE D 84 -21.27 -7.98 5.48
N GLU D 85 -21.55 -6.67 5.51
CA GLU D 85 -20.59 -5.66 5.96
C GLU D 85 -20.92 -5.21 7.39
N VAL D 86 -19.97 -5.41 8.36
CA VAL D 86 -20.18 -5.00 9.77
C VAL D 86 -19.31 -3.79 10.14
N THR D 87 -19.92 -2.60 10.22
CA THR D 87 -19.22 -1.35 10.50
C THR D 87 -19.32 -0.94 11.99
N PHE D 88 -18.17 -0.73 12.59
CA PHE D 88 -18.08 -0.34 13.99
C PHE D 88 -17.66 1.09 14.03
N ASP D 89 -18.53 1.91 14.61
CA ASP D 89 -18.23 3.32 14.74
C ASP D 89 -18.04 3.73 16.20
N ILE D 90 -16.85 4.32 16.47
CA ILE D 90 -16.42 4.85 17.76
C ILE D 90 -15.99 6.33 17.62
N ASP D 91 -16.64 7.22 18.39
CA ASP D 91 -16.28 8.63 18.41
C ASP D 91 -15.45 8.90 19.66
N ALA D 92 -14.99 10.17 19.85
CA ALA D 92 -14.17 10.60 20.98
C ALA D 92 -14.75 10.17 22.33
N ASN D 93 -16.09 10.03 22.40
CA ASN D 93 -16.83 9.61 23.59
C ASN D 93 -16.63 8.14 23.91
N GLY D 94 -16.38 7.32 22.88
CA GLY D 94 -16.13 5.89 23.02
C GLY D 94 -17.33 4.98 22.88
N ILE D 95 -18.55 5.54 22.67
CA ILE D 95 -19.79 4.78 22.51
C ILE D 95 -19.72 3.97 21.21
N LEU D 96 -19.79 2.64 21.32
CA LEU D 96 -19.69 1.71 20.20
C LEU D 96 -21.02 1.49 19.52
N ASN D 97 -21.04 1.72 18.19
CA ASN D 97 -22.22 1.51 17.34
C ASN D 97 -21.84 0.49 16.28
N VAL D 98 -22.36 -0.74 16.42
CA VAL D 98 -22.10 -1.87 15.53
C VAL D 98 -23.31 -2.05 14.62
N THR D 99 -23.08 -1.99 13.30
CA THR D 99 -24.13 -2.18 12.32
C THR D 99 -23.75 -3.28 11.33
N ALA D 100 -24.63 -4.26 11.14
CA ALA D 100 -24.43 -5.35 10.19
C ALA D 100 -25.40 -5.11 9.04
N LEU D 101 -24.87 -5.04 7.81
CA LEU D 101 -25.67 -4.76 6.63
C LEU D 101 -25.50 -5.79 5.54
N ASP D 102 -26.63 -6.27 5.00
CA ASP D 102 -26.64 -7.21 3.90
C ASP D 102 -26.44 -6.39 2.64
N LYS D 103 -25.36 -6.67 1.90
CA LYS D 103 -25.01 -5.95 0.67
C LYS D 103 -26.08 -6.10 -0.41
N GLY D 104 -26.56 -7.32 -0.59
CA GLY D 104 -27.59 -7.65 -1.58
C GLY D 104 -28.93 -7.04 -1.28
N THR D 105 -29.57 -7.47 -0.17
CA THR D 105 -30.89 -6.99 0.23
C THR D 105 -30.91 -5.53 0.66
N GLY D 106 -29.86 -5.09 1.33
CA GLY D 106 -29.80 -3.72 1.86
C GLY D 106 -30.41 -3.64 3.24
N LYS D 107 -30.88 -4.80 3.77
CA LYS D 107 -31.46 -4.94 5.11
C LYS D 107 -30.32 -4.85 6.10
N GLN D 108 -30.55 -4.13 7.20
CA GLN D 108 -29.53 -3.95 8.24
C GLN D 108 -30.09 -4.04 9.65
N ASN D 109 -29.20 -4.26 10.60
CA ASN D 109 -29.51 -4.31 12.02
C ASN D 109 -28.33 -3.70 12.77
N GLN D 110 -28.64 -3.03 13.89
CA GLN D 110 -27.63 -2.35 14.68
C GLN D 110 -27.90 -2.36 16.15
N ILE D 111 -26.83 -2.26 16.94
CA ILE D 111 -26.87 -2.12 18.39
C ILE D 111 -25.90 -1.03 18.82
N THR D 112 -26.18 -0.40 19.96
CA THR D 112 -25.34 0.64 20.52
C THR D 112 -24.95 0.26 21.96
N ILE D 113 -23.64 0.28 22.25
CA ILE D 113 -23.10 -0.02 23.57
C ILE D 113 -22.50 1.27 24.12
N THR D 114 -23.03 1.74 25.26
CA THR D 114 -22.65 2.97 25.97
C THR D 114 -21.27 2.84 26.61
N ASN D 115 -20.52 3.97 26.70
CA ASN D 115 -19.17 3.96 27.30
C ASN D 115 -19.22 4.02 28.84
N ASP D 116 -20.41 4.37 29.40
CA ASP D 116 -20.60 4.47 30.85
C ASP D 116 -20.65 3.08 31.51
N ARG D 119 -17.04 0.31 32.53
CA ARG D 119 -16.93 0.44 33.98
C ARG D 119 -15.66 -0.21 34.53
N LEU D 120 -14.82 -0.77 33.61
CA LEU D 120 -13.55 -1.43 33.92
C LEU D 120 -12.55 -0.44 34.53
N SER D 121 -11.76 -0.93 35.51
CA SER D 121 -10.73 -0.15 36.20
C SER D 121 -9.40 -0.22 35.44
N LYS D 122 -8.56 0.84 35.56
CA LYS D 122 -7.25 0.97 34.91
C LYS D 122 -6.36 -0.25 35.13
N ASP D 123 -6.26 -0.73 36.39
CA ASP D 123 -5.48 -1.93 36.74
C ASP D 123 -6.14 -3.17 36.18
N ASP D 124 -7.50 -3.25 36.14
CA ASP D 124 -8.18 -4.42 35.55
C ASP D 124 -7.89 -4.50 34.08
N ILE D 125 -7.80 -3.33 33.41
CA ILE D 125 -7.47 -3.26 32.00
C ILE D 125 -6.00 -3.66 31.81
N ASP D 126 -5.09 -3.08 32.63
CA ASP D 126 -3.66 -3.39 32.57
C ASP D 126 -3.39 -4.87 32.86
N ARG D 127 -4.14 -5.47 33.81
CA ARG D 127 -4.07 -6.89 34.17
C ARG D 127 -4.51 -7.74 32.98
N MET D 128 -5.60 -7.33 32.29
CA MET D 128 -6.13 -7.98 31.08
C MET D 128 -5.09 -7.93 29.95
N VAL D 129 -4.43 -6.76 29.75
CA VAL D 129 -3.36 -6.55 28.75
C VAL D 129 -2.17 -7.48 29.05
N ASN D 130 -1.74 -7.53 30.33
CA ASN D 130 -0.64 -8.37 30.80
C ASN D 130 -0.96 -9.86 30.60
N ASP D 131 -2.23 -10.25 30.87
CA ASP D 131 -2.71 -11.61 30.67
C ASP D 131 -2.58 -11.98 29.20
N ALA D 132 -2.96 -11.06 28.29
CA ALA D 132 -2.84 -11.25 26.84
C ALA D 132 -1.43 -11.58 26.44
N GLU D 133 -0.46 -10.84 26.92
CA GLU D 133 0.92 -11.14 26.57
C GLU D 133 1.34 -12.53 27.00
N LYS D 134 1.05 -12.88 28.25
CA LYS D 134 1.39 -14.16 28.86
C LYS D 134 0.62 -15.35 28.26
N TYR D 135 -0.68 -15.21 28.08
CA TYR D 135 -1.56 -16.28 27.66
C TYR D 135 -1.90 -16.31 26.16
N LYS D 136 -1.97 -15.13 25.47
CA LYS D 136 -2.27 -15.04 24.03
C LYS D 136 -1.23 -15.79 23.16
N GLU D 137 -0.02 -16.06 23.71
CA GLU D 137 0.98 -16.88 23.01
C GLU D 137 0.38 -18.29 22.76
N GLU D 138 -0.23 -18.86 23.82
CA GLU D 138 -0.96 -20.12 23.75
C GLU D 138 -2.22 -19.94 22.89
N ASP D 139 -2.83 -18.72 22.87
CA ASP D 139 -4.02 -18.41 22.04
C ASP D 139 -3.74 -18.56 20.56
N GLU D 140 -2.60 -18.05 20.07
CA GLU D 140 -2.18 -18.14 18.67
C GLU D 140 -2.16 -19.60 18.20
N GLN D 141 -1.65 -20.51 19.07
CA GLN D 141 -1.59 -21.96 18.84
C GLN D 141 -3.00 -22.54 18.73
N ASN D 142 -3.91 -22.10 19.61
CA ASN D 142 -5.31 -22.51 19.61
C ASN D 142 -6.00 -22.04 18.34
N LYS D 143 -5.75 -20.78 17.94
CA LYS D 143 -6.30 -20.18 16.72
C LYS D 143 -5.93 -21.01 15.48
N ASN D 144 -4.63 -21.36 15.36
CA ASN D 144 -4.06 -22.17 14.28
C ASN D 144 -4.75 -23.54 14.19
N ARG D 145 -4.99 -24.16 15.35
CA ARG D 145 -5.67 -25.44 15.48
C ARG D 145 -7.11 -25.37 14.97
N ILE D 146 -7.83 -24.28 15.33
CA ILE D 146 -9.22 -24.04 14.92
C ILE D 146 -9.32 -23.82 13.41
N GLU D 147 -8.42 -23.00 12.85
CA GLU D 147 -8.33 -22.70 11.43
C GLU D 147 -8.25 -23.99 10.60
N ALA D 148 -7.47 -25.00 11.08
CA ALA D 148 -7.30 -26.32 10.45
C ALA D 148 -8.65 -27.02 10.27
N ARG D 149 -9.56 -26.88 11.26
CA ARG D 149 -10.91 -27.45 11.23
C ARG D 149 -11.68 -26.85 10.04
N ASN D 150 -11.77 -25.51 10.00
CA ASN D 150 -12.43 -24.74 8.95
C ASN D 150 -11.93 -25.07 7.52
N ASN D 151 -10.59 -25.15 7.38
CA ASN D 151 -9.92 -25.44 6.10
C ASN D 151 -10.30 -26.81 5.53
N LEU D 152 -10.32 -27.85 6.38
CA LEU D 152 -10.69 -29.20 5.98
C LEU D 152 -12.16 -29.24 5.62
N GLU D 153 -13.02 -28.59 6.47
CA GLU D 153 -14.47 -28.50 6.24
C GLU D 153 -14.75 -28.02 4.83
N ASN D 154 -14.08 -26.91 4.47
CA ASN D 154 -14.18 -26.27 3.17
C ASN D 154 -13.64 -27.19 2.06
N TYR D 155 -12.48 -27.84 2.33
CA TYR D 155 -11.83 -28.78 1.40
C TYR D 155 -12.78 -29.91 1.03
N CYS D 156 -13.51 -30.48 2.00
CA CYS D 156 -14.45 -31.57 1.75
C CYS D 156 -15.58 -31.17 0.84
N TYR D 157 -16.11 -29.95 1.07
CA TYR D 157 -17.22 -29.39 0.31
C TYR D 157 -16.81 -29.17 -1.13
N ASN D 158 -15.64 -28.52 -1.33
CA ASN D 158 -15.08 -28.22 -2.64
C ASN D 158 -14.79 -29.46 -3.47
N VAL D 159 -14.17 -30.51 -2.87
CA VAL D 159 -13.86 -31.78 -3.57
C VAL D 159 -15.13 -32.47 -4.02
N LYS D 160 -16.11 -32.57 -3.11
CA LYS D 160 -17.39 -33.20 -3.42
C LYS D 160 -18.04 -32.45 -4.57
N ASN D 161 -18.07 -31.10 -4.47
CA ASN D 161 -18.61 -30.24 -5.51
C ASN D 161 -17.89 -30.46 -6.82
N THR D 162 -16.53 -30.56 -6.84
CA THR D 162 -15.78 -30.77 -8.09
C THR D 162 -16.10 -32.08 -8.76
N LEU D 163 -16.23 -33.14 -7.96
CA LEU D 163 -16.56 -34.48 -8.46
C LEU D 163 -17.94 -34.52 -9.09
N GLN D 164 -18.92 -33.83 -8.47
CA GLN D 164 -20.31 -33.79 -8.92
C GLN D 164 -20.71 -32.48 -9.61
N ASP D 165 -19.80 -31.50 -9.67
CA ASP D 165 -20.06 -30.12 -10.15
C ASP D 165 -20.24 -30.04 -11.59
N GLU D 166 -19.18 -30.39 -12.31
CA GLU D 166 -19.29 -30.23 -13.71
C GLU D 166 -19.80 -31.47 -14.33
N ASN D 167 -20.83 -31.29 -15.14
CA ASN D 167 -21.40 -32.33 -15.97
C ASN D 167 -20.42 -32.61 -17.09
N LEU D 168 -19.60 -31.59 -17.38
CA LEU D 168 -18.58 -31.60 -18.40
C LEU D 168 -17.44 -32.40 -17.83
N LYS D 169 -17.19 -32.25 -16.51
CA LYS D 169 -16.16 -32.99 -15.79
C LYS D 169 -16.71 -34.34 -15.31
N THR D 170 -16.97 -35.19 -16.30
CA THR D 170 -17.46 -36.54 -16.14
C THR D 170 -16.41 -37.45 -16.76
N LYS D 171 -15.47 -36.81 -17.50
CA LYS D 171 -14.32 -37.41 -18.18
C LYS D 171 -13.46 -38.24 -17.23
N ILE D 172 -13.34 -37.79 -15.94
CA ILE D 172 -12.63 -38.47 -14.82
C ILE D 172 -13.12 -39.93 -14.72
N PRO D 173 -12.20 -40.93 -14.58
CA PRO D 173 -12.66 -42.32 -14.50
C PRO D 173 -13.59 -42.59 -13.32
N LYS D 174 -14.66 -43.34 -13.60
CA LYS D 174 -15.71 -43.77 -12.67
C LYS D 174 -15.15 -44.43 -11.42
N ASP D 175 -14.13 -45.30 -11.56
CA ASP D 175 -13.48 -46.02 -10.47
C ASP D 175 -12.82 -45.08 -9.47
N ASP D 176 -12.03 -44.10 -9.96
CA ASP D 176 -11.31 -43.10 -9.17
C ASP D 176 -12.28 -42.15 -8.47
N SER D 177 -13.37 -41.76 -9.17
CA SER D 177 -14.40 -40.87 -8.65
C SER D 177 -15.14 -41.52 -7.48
N GLU D 178 -15.55 -42.79 -7.64
CA GLU D 178 -16.25 -43.59 -6.64
C GLU D 178 -15.42 -43.72 -5.36
N LYS D 179 -14.15 -44.12 -5.51
CA LYS D 179 -13.17 -44.30 -4.46
C LYS D 179 -12.96 -43.04 -3.68
N CYS D 180 -12.77 -41.87 -4.37
CA CYS D 180 -12.57 -40.56 -3.75
C CYS D 180 -13.82 -40.08 -3.02
N MET D 181 -15.02 -40.24 -3.64
CA MET D 181 -16.31 -39.84 -3.06
C MET D 181 -16.53 -40.50 -1.71
N LYS D 182 -16.20 -41.81 -1.59
CA LYS D 182 -16.30 -42.60 -0.37
C LYS D 182 -15.38 -42.06 0.71
N THR D 183 -14.13 -41.68 0.33
CA THR D 183 -13.12 -41.12 1.22
C THR D 183 -13.60 -39.81 1.79
N VAL D 184 -14.17 -38.93 0.94
CA VAL D 184 -14.71 -37.63 1.36
C VAL D 184 -15.88 -37.84 2.31
N LYS D 185 -16.82 -38.76 1.95
CA LYS D 185 -18.00 -39.12 2.75
C LYS D 185 -17.61 -39.57 4.16
N SER D 186 -16.56 -40.43 4.26
CA SER D 186 -16.03 -40.96 5.52
C SER D 186 -15.46 -39.86 6.41
N VAL D 187 -14.81 -38.84 5.81
CA VAL D 187 -14.24 -37.71 6.54
C VAL D 187 -15.36 -36.79 7.02
N LEU D 188 -16.43 -36.61 6.22
CA LEU D 188 -17.59 -35.79 6.61
C LEU D 188 -18.28 -36.35 7.84
N ASP D 189 -18.44 -37.69 7.90
CA ASP D 189 -19.04 -38.41 9.02
C ASP D 189 -18.13 -38.30 10.24
N TRP D 190 -16.79 -38.41 10.03
CA TRP D 190 -15.77 -38.28 11.07
C TRP D 190 -15.81 -36.88 11.66
N LEU D 191 -16.03 -35.87 10.80
CA LEU D 191 -16.09 -34.46 11.18
C LEU D 191 -17.28 -34.13 12.07
N GLU D 192 -18.43 -34.77 11.79
CA GLU D 192 -19.66 -34.62 12.56
C GLU D 192 -19.47 -35.20 13.96
N LYS D 193 -18.97 -36.46 14.01
CA LYS D 193 -18.69 -37.22 15.24
C LYS D 193 -17.63 -36.51 16.09
N ASN D 194 -16.52 -36.07 15.47
CA ASN D 194 -15.45 -35.39 16.18
C ASN D 194 -15.57 -33.90 15.95
N GLN D 195 -16.35 -33.23 16.82
CA GLN D 195 -16.60 -31.80 16.74
C GLN D 195 -15.30 -31.02 16.92
N THR D 196 -14.48 -31.39 17.90
CA THR D 196 -13.17 -30.79 18.15
C THR D 196 -12.14 -31.92 18.15
N ALA D 197 -11.08 -31.78 17.37
CA ALA D 197 -9.98 -32.76 17.30
C ALA D 197 -8.63 -32.00 17.21
N GLU D 198 -7.51 -32.73 17.37
CA GLU D 198 -6.18 -32.11 17.30
C GLU D 198 -5.81 -31.69 15.89
N THR D 199 -5.00 -30.62 15.76
CA THR D 199 -4.53 -30.06 14.49
C THR D 199 -4.01 -31.13 13.56
N GLU D 200 -3.16 -32.03 14.08
CA GLU D 200 -2.55 -33.12 13.35
C GLU D 200 -3.61 -34.07 12.79
N GLU D 201 -4.67 -34.36 13.57
CA GLU D 201 -5.77 -35.25 13.16
C GLU D 201 -6.48 -34.70 11.93
N TYR D 202 -6.75 -33.37 11.91
CA TYR D 202 -7.39 -32.68 10.79
C TYR D 202 -6.50 -32.74 9.56
N ASN D 203 -5.20 -32.40 9.72
CA ASN D 203 -4.21 -32.43 8.65
C ASN D 203 -4.02 -33.83 8.10
N GLU D 204 -4.05 -34.85 8.97
CA GLU D 204 -3.95 -36.25 8.61
C GLU D 204 -5.12 -36.58 7.68
N LYS D 205 -6.35 -36.15 8.06
CA LYS D 205 -7.56 -36.35 7.25
C LYS D 205 -7.47 -35.62 5.92
N GLU D 206 -7.03 -34.34 5.92
CA GLU D 206 -6.83 -33.52 4.71
C GLU D 206 -5.88 -34.23 3.76
N LYS D 207 -4.72 -34.68 4.28
CA LYS D 207 -3.67 -35.38 3.54
C LYS D 207 -4.18 -36.70 2.94
N ASP D 208 -5.04 -37.43 3.68
CA ASP D 208 -5.65 -38.70 3.26
C ASP D 208 -6.60 -38.48 2.07
N ILE D 209 -7.33 -37.35 2.07
CA ILE D 209 -8.21 -37.00 0.96
C ILE D 209 -7.34 -36.53 -0.21
N SER D 210 -6.34 -35.67 0.10
CA SER D 210 -5.37 -35.10 -0.83
C SER D 210 -4.61 -36.18 -1.59
N SER D 211 -4.26 -37.29 -0.92
CA SER D 211 -3.53 -38.41 -1.52
C SER D 211 -4.28 -39.06 -2.68
N VAL D 212 -5.63 -39.12 -2.61
CA VAL D 212 -6.53 -39.72 -3.61
C VAL D 212 -6.86 -38.73 -4.74
N TYR D 213 -7.16 -37.48 -4.36
CA TYR D 213 -7.58 -36.41 -5.25
C TYR D 213 -6.48 -35.83 -6.16
N ASN D 214 -5.28 -35.53 -5.61
CA ASN D 214 -4.17 -34.98 -6.38
C ASN D 214 -3.85 -35.81 -7.64
N PRO D 215 -3.73 -37.18 -7.57
CA PRO D 215 -3.45 -37.95 -8.78
C PRO D 215 -4.49 -37.78 -9.89
N ILE D 216 -5.77 -37.59 -9.54
CA ILE D 216 -6.84 -37.37 -10.51
C ILE D 216 -6.59 -36.06 -11.24
N MET D 217 -6.28 -35.00 -10.48
CA MET D 217 -6.00 -33.65 -10.99
C MET D 217 -4.80 -33.62 -11.93
N THR D 218 -3.70 -34.30 -11.52
CA THR D 218 -2.48 -34.39 -12.32
C THR D 218 -2.82 -35.04 -13.66
N LYS D 219 -3.57 -36.17 -13.65
CA LYS D 219 -4.03 -36.94 -14.82
C LYS D 219 -4.83 -36.09 -15.80
N ILE D 220 -5.69 -35.18 -15.28
CA ILE D 220 -6.51 -34.27 -16.09
C ILE D 220 -5.61 -33.38 -16.95
N TYR D 221 -4.61 -32.75 -16.32
CA TYR D 221 -3.65 -31.86 -16.96
C TYR D 221 -2.39 -32.55 -17.53
N GLN D 222 -2.24 -33.86 -17.22
CA GLN D 222 -1.15 -34.77 -17.65
C GLN D 222 -1.19 -34.90 -19.16
N GLY D 223 -2.42 -35.01 -19.69
CA GLY D 223 -2.70 -35.08 -21.11
C GLY D 223 -2.23 -33.81 -21.78
N ALA D 224 -1.32 -33.98 -22.75
CA ALA D 224 -0.70 -32.90 -23.51
C ALA D 224 -0.33 -33.41 -24.89
N ASN E 1 8.83 -25.94 -16.80
CA ASN E 1 8.60 -24.86 -15.85
C ASN E 1 7.68 -23.80 -16.46
N ARG E 2 6.53 -23.54 -15.81
CA ARG E 2 5.52 -22.59 -16.30
C ARG E 2 5.47 -21.28 -15.52
N LEU E 3 4.98 -20.22 -16.18
CA LEU E 3 4.81 -18.89 -15.58
C LEU E 3 3.41 -18.73 -15.01
N LEU E 4 3.32 -18.13 -13.83
CA LEU E 4 2.07 -18.00 -13.08
C LEU E 4 1.15 -16.88 -13.51
N LEU E 5 -0.17 -17.14 -13.44
CA LEU E 5 -1.24 -16.20 -13.76
C LEU E 5 -2.18 -16.05 -12.58
N THR E 6 -2.49 -14.80 -12.21
CA THR E 6 -3.40 -14.49 -11.11
C THR E 6 -4.84 -14.40 -11.64
N GLY E 7 -5.82 -14.39 -10.73
CA GLY E 7 -7.23 -14.29 -11.05
C GLY E 7 -7.66 -12.83 -11.29
N ASN F 1 25.04 19.96 15.38
CA ASN F 1 24.49 19.07 14.35
C ASN F 1 23.39 18.22 14.95
N ARG F 2 22.15 18.40 14.45
CA ARG F 2 20.97 17.65 14.90
C ARG F 2 20.51 16.66 13.85
N LEU F 3 19.81 15.58 14.29
CA LEU F 3 19.32 14.55 13.39
C LEU F 3 17.91 14.87 12.90
N LEU F 4 17.66 14.63 11.61
CA LEU F 4 16.40 14.96 10.95
C LEU F 4 15.28 13.95 11.16
N LEU F 5 14.04 14.49 11.28
CA LEU F 5 12.81 13.71 11.45
C LEU F 5 11.82 14.00 10.34
N THR F 6 11.28 12.94 9.73
CA THR F 6 10.33 13.02 8.62
C THR F 6 8.90 13.20 9.12
N GLY F 7 8.00 13.55 8.18
CA GLY F 7 6.59 13.76 8.46
C GLY F 7 5.82 12.43 8.44
N ASN G 1 -2.26 14.16 4.95
CA ASN G 1 -2.33 15.24 3.98
C ASN G 1 -3.58 15.09 3.09
N ARG G 2 -4.48 16.08 3.14
CA ARG G 2 -5.73 16.08 2.37
C ARG G 2 -5.68 17.12 1.24
N LEU G 3 -6.44 16.86 0.16
CA LEU G 3 -6.52 17.76 -0.99
C LEU G 3 -7.66 18.74 -0.85
N LEU G 4 -7.42 19.99 -1.26
CA LEU G 4 -8.36 21.09 -1.09
C LEU G 4 -9.46 21.18 -2.12
N LEU G 5 -10.64 21.61 -1.68
CA LEU G 5 -11.84 21.82 -2.48
C LEU G 5 -12.36 23.25 -2.33
N THR G 6 -12.66 23.90 -3.47
CA THR G 6 -13.18 25.27 -3.49
C THR G 6 -14.71 25.27 -3.34
N GLY G 7 -15.28 26.45 -3.07
CA GLY G 7 -16.73 26.65 -2.92
C GLY G 7 -17.42 26.77 -4.27
N LEU H 4 -16.35 -16.35 7.83
CA LEU H 4 -17.65 -16.97 8.07
C LEU H 4 -18.31 -16.55 9.39
N LEU H 5 -19.65 -16.43 9.37
CA LEU H 5 -20.48 -16.10 10.52
C LEU H 5 -21.55 -17.18 10.75
N THR H 6 -21.73 -17.58 12.02
CA THR H 6 -22.71 -18.58 12.44
C THR H 6 -24.09 -17.95 12.64
N GLY H 7 -25.11 -18.81 12.77
CA GLY H 7 -26.50 -18.39 12.98
C GLY H 7 -26.78 -18.09 14.46
#